data_4AOA
#
_entry.id   4AOA
#
_cell.length_a   88.670
_cell.length_b   99.880
_cell.length_c   104.790
_cell.angle_alpha   90.00
_cell.angle_beta   90.00
_cell.angle_gamma   90.00
#
_symmetry.space_group_name_H-M   'P 21 21 21'
#
loop_
_entity.id
_entity.type
_entity.pdbx_description
1 polymer 'BETA-PHENYLALANINE AMINOTRANSFERASE'
2 non-polymer "4'-DEOXY-4'-ACETYLYAMINO-PYRIDOXAL-5'-PHOSPHATE"
3 non-polymer GLYCEROL
4 water water
#
_entity_poly.entity_id   1
_entity_poly.type   'polypeptide(L)'
_entity_poly.pdbx_seq_one_letter_code
;MGSSHHHHHHSSGLVPRGSHMTHAAIDQALADAYRRFTDANPASQRQFEAQARYMPGANSRSVLFYAPFPLTIARGEGAA
LWDADGHRYADFIAEYTAGVYGHSAPEIRDAVIEAMQGGINLTGHNLLEGRLARLICERFPQIEQLRFTNSGTEANLMAL
TAALHFTGRRKIVVFSGGYHGGVLGFGARPSPTTVPFDFLVLPYNDAQTARAQIERHGPEIAVVLVEPMQGASGCIPGQP
DFLQALRESATQVGALLVFDEVMTSRLAPHGLANKLGIRSDLTTLGKYIGGGMSFGAFGGRADVMALFDPRTGPLAHSGT
FNNNVMTMAAGYAGLTKLFTPEAAGALAERGEALRARLNALCANEGVAMQFTGIGSLMNAHFVQGDVRSSEDLAAVDGRL
RQLLFFHLLNEDIYSSPRGFVVLSLPLTDADIDRYVAAIGSFIGGHGALLPRAN
;
_entity_poly.pdbx_strand_id   A,B
#
loop_
_chem_comp.id
_chem_comp.type
_chem_comp.name
_chem_comp.formula
GOL non-polymer GLYCEROL 'C3 H8 O3'
IK2 non-polymer 4'-DEOXY-4'-ACETYLYAMINO-PYRIDOXAL-5'-PHOSPHATE 'C10 H15 N2 O8 P'
#
# COMPACT_ATOMS: atom_id res chain seq x y z
N ALA A 25 11.05 30.93 -30.23
CA ALA A 25 10.52 29.90 -31.17
C ALA A 25 9.95 28.67 -30.45
N ILE A 26 10.71 28.13 -29.49
CA ILE A 26 10.22 27.00 -28.68
C ILE A 26 9.07 27.46 -27.76
N ASP A 27 9.20 28.65 -27.18
CA ASP A 27 8.12 29.24 -26.38
C ASP A 27 6.80 29.32 -27.13
N GLN A 28 6.87 29.80 -28.38
CA GLN A 28 5.70 29.93 -29.25
C GLN A 28 5.10 28.58 -29.64
N ALA A 29 5.97 27.64 -30.02
CA ALA A 29 5.52 26.28 -30.34
C ALA A 29 4.82 25.64 -29.13
N LEU A 30 5.32 25.91 -27.94
CA LEU A 30 4.74 25.35 -26.71
C LEU A 30 3.39 25.98 -26.41
N ALA A 31 3.29 27.31 -26.58
CA ALA A 31 2.02 28.02 -26.36
C ALA A 31 0.95 27.57 -27.36
N ASP A 32 1.35 27.30 -28.61
CA ASP A 32 0.45 26.79 -29.63
C ASP A 32 -0.07 25.39 -29.26
N ALA A 33 0.83 24.55 -28.73
CA ALA A 33 0.46 23.20 -28.32
C ALA A 33 -0.57 23.21 -27.18
N TYR A 34 -0.35 24.08 -26.19
CA TYR A 34 -1.28 24.30 -25.08
C TYR A 34 -2.67 24.70 -25.57
N ARG A 35 -2.70 25.66 -26.49
CA ARG A 35 -3.93 26.15 -27.12
C ARG A 35 -4.68 25.02 -27.83
N ARG A 36 -3.99 24.34 -28.74
CA ARG A 36 -4.55 23.22 -29.51
C ARG A 36 -5.10 22.13 -28.59
N PHE A 37 -4.31 21.78 -27.58
CA PHE A 37 -4.66 20.74 -26.60
C PHE A 37 -5.87 21.14 -25.78
N THR A 38 -5.89 22.40 -25.36
CA THR A 38 -7.02 22.96 -24.59
C THR A 38 -8.32 22.93 -25.40
N ASP A 39 -8.26 23.39 -26.66
CA ASP A 39 -9.45 23.49 -27.50
C ASP A 39 -10.04 22.13 -27.86
N ALA A 40 -9.17 21.12 -27.94
CA ALA A 40 -9.56 19.76 -28.31
C ALA A 40 -10.11 18.95 -27.12
N ASN A 41 -9.95 19.47 -25.90
CA ASN A 41 -10.35 18.71 -24.69
C ASN A 41 -11.14 19.49 -23.63
N PRO A 42 -12.29 20.09 -24.00
CA PRO A 42 -12.96 20.92 -23.01
C PRO A 42 -13.61 20.12 -21.87
N ALA A 43 -14.04 18.89 -22.14
CA ALA A 43 -14.64 18.07 -21.09
C ALA A 43 -13.62 17.69 -20.01
N SER A 44 -12.40 17.37 -20.45
CA SER A 44 -11.29 17.10 -19.52
C SER A 44 -10.96 18.32 -18.69
N GLN A 45 -11.02 19.50 -19.32
CA GLN A 45 -10.76 20.75 -18.63
C GLN A 45 -11.81 21.01 -17.56
N ARG A 46 -13.08 20.80 -17.90
CA ARG A 46 -14.20 20.99 -16.96
C ARG A 46 -14.14 20.00 -15.80
N GLN A 47 -13.77 18.75 -16.11
CA GLN A 47 -13.60 17.73 -15.09
C GLN A 47 -12.48 18.11 -14.12
N PHE A 48 -11.38 18.63 -14.66
CA PHE A 48 -10.24 19.04 -13.85
C PHE A 48 -10.60 20.15 -12.86
N GLU A 49 -11.26 21.20 -13.35
CA GLU A 49 -11.63 22.35 -12.51
C GLU A 49 -12.56 21.93 -11.38
N ALA A 50 -13.50 21.02 -11.66
CA ALA A 50 -14.43 20.53 -10.65
C ALA A 50 -13.74 19.63 -9.62
N GLN A 51 -12.77 18.84 -10.08
CA GLN A 51 -12.06 17.90 -9.22
C GLN A 51 -11.04 18.61 -8.32
N ALA A 52 -10.54 19.75 -8.78
CA ALA A 52 -9.55 20.54 -8.02
C ALA A 52 -10.05 21.00 -6.65
N ARG A 53 -11.37 20.99 -6.48
CA ARG A 53 -11.99 21.37 -5.20
C ARG A 53 -11.63 20.40 -4.05
N TYR A 54 -11.56 19.11 -4.34
CA TYR A 54 -11.45 18.08 -3.30
C TYR A 54 -10.10 17.36 -3.22
N MET A 55 -9.25 17.57 -4.22
CA MET A 55 -7.92 17.00 -4.26
C MET A 55 -6.96 18.08 -4.75
N PRO A 56 -5.77 18.20 -4.13
CA PRO A 56 -4.88 19.31 -4.50
C PRO A 56 -4.47 19.18 -5.96
N GLY A 57 -4.82 20.19 -6.75
CA GLY A 57 -4.61 20.15 -8.20
C GLY A 57 -5.37 19.01 -8.86
N ALA A 58 -6.53 18.67 -8.29
CA ALA A 58 -7.40 17.58 -8.78
C ALA A 58 -6.72 16.21 -8.76
N ASN A 59 -5.66 16.10 -7.96
CA ASN A 59 -4.65 15.07 -8.15
C ASN A 59 -4.42 14.18 -6.92
N SER A 60 -4.30 12.87 -7.19
CA SER A 60 -4.03 11.88 -6.14
C SER A 60 -2.77 11.05 -6.44
N ARG A 61 -2.05 11.43 -7.49
CA ARG A 61 -0.91 10.67 -7.99
C ARG A 61 -0.10 11.54 -8.95
N SER A 62 1.05 12.04 -8.47
CA SER A 62 1.80 13.13 -9.12
C SER A 62 2.13 12.94 -10.59
N VAL A 63 2.65 11.77 -10.97
CA VAL A 63 3.03 11.48 -12.37
C VAL A 63 1.89 11.71 -13.34
N LEU A 64 0.66 11.60 -12.85
CA LEU A 64 -0.55 11.76 -13.68
C LEU A 64 -0.86 13.21 -14.02
N PHE A 65 -0.27 14.16 -13.31
CA PHE A 65 -0.46 15.58 -13.64
C PHE A 65 0.56 16.12 -14.65
N TYR A 66 0.06 16.91 -15.60
CA TYR A 66 0.89 17.72 -16.51
C TYR A 66 0.14 18.99 -16.89
N ALA A 67 0.87 20.04 -17.21
CA ALA A 67 0.26 21.32 -17.64
C ALA A 67 -0.22 21.23 -19.09
N PRO A 68 -1.24 22.04 -19.48
CA PRO A 68 -2.00 22.97 -18.64
C PRO A 68 -2.99 22.26 -17.71
N PHE A 69 -3.42 21.05 -18.10
CA PHE A 69 -4.28 20.20 -17.27
C PHE A 69 -4.20 18.77 -17.80
N PRO A 70 -4.43 17.77 -16.94
CA PRO A 70 -4.34 16.39 -17.45
C PRO A 70 -5.64 15.88 -18.05
N LEU A 71 -5.53 15.01 -19.04
CA LEU A 71 -6.67 14.32 -19.61
C LEU A 71 -7.33 13.43 -18.56
N THR A 72 -8.67 13.43 -18.53
CA THR A 72 -9.42 12.42 -17.79
C THR A 72 -9.60 11.24 -18.72
N ILE A 73 -9.31 10.05 -18.22
CA ILE A 73 -9.45 8.81 -19.01
C ILE A 73 -10.75 8.12 -18.62
N ALA A 74 -11.61 7.91 -19.61
CA ALA A 74 -12.98 7.43 -19.40
C ALA A 74 -13.16 5.92 -19.55
N ARG A 75 -12.32 5.31 -20.38
CA ARG A 75 -12.52 3.92 -20.77
C ARG A 75 -11.23 3.31 -21.32
N GLY A 76 -11.08 2.00 -21.17
CA GLY A 76 -9.96 1.29 -21.77
C GLY A 76 -10.38 -0.06 -22.31
N GLU A 77 -9.78 -0.47 -23.43
CA GLU A 77 -10.04 -1.79 -24.01
C GLU A 77 -8.80 -2.25 -24.77
N GLY A 78 -8.29 -3.42 -24.42
CA GLY A 78 -7.02 -3.89 -24.97
C GLY A 78 -5.94 -2.85 -24.72
N ALA A 79 -5.23 -2.47 -25.78
CA ALA A 79 -4.22 -1.40 -25.69
C ALA A 79 -4.76 -0.04 -26.16
N ALA A 80 -6.08 0.15 -26.06
CA ALA A 80 -6.70 1.44 -26.39
C ALA A 80 -7.27 2.14 -25.15
N LEU A 81 -7.20 3.45 -25.16
CA LEU A 81 -7.79 4.29 -24.11
C LEU A 81 -8.63 5.39 -24.74
N TRP A 82 -9.73 5.75 -24.06
CA TRP A 82 -10.57 6.86 -24.46
C TRP A 82 -10.54 7.93 -23.38
N ASP A 83 -10.34 9.18 -23.79
CA ASP A 83 -10.41 10.31 -22.87
C ASP A 83 -11.85 10.82 -22.75
N ALA A 84 -12.07 11.78 -21.85
CA ALA A 84 -13.41 12.28 -21.56
C ALA A 84 -14.06 12.97 -22.76
N ASP A 85 -13.24 13.46 -23.69
CA ASP A 85 -13.76 14.11 -24.89
C ASP A 85 -13.95 13.15 -26.06
N GLY A 86 -13.70 11.86 -25.80
CA GLY A 86 -13.97 10.83 -26.78
C GLY A 86 -12.82 10.40 -27.68
N HIS A 87 -11.65 11.03 -27.59
CA HIS A 87 -10.49 10.62 -28.39
C HIS A 87 -10.07 9.19 -28.04
N ARG A 88 -9.80 8.38 -29.06
CA ARG A 88 -9.21 7.06 -28.86
C ARG A 88 -7.70 7.12 -29.14
N TYR A 89 -6.90 6.60 -28.22
CA TYR A 89 -5.44 6.56 -28.36
C TYR A 89 -4.91 5.14 -28.33
N ALA A 90 -3.83 4.88 -29.06
CA ALA A 90 -3.02 3.70 -28.82
C ALA A 90 -2.22 3.94 -27.54
N ASP A 91 -2.25 2.98 -26.61
CA ASP A 91 -1.68 3.18 -25.28
C ASP A 91 -0.23 2.73 -25.22
N PHE A 92 0.66 3.70 -25.02
CA PHE A 92 2.11 3.45 -24.96
C PHE A 92 2.74 3.77 -23.60
N ILE A 93 1.93 3.73 -22.55
CA ILE A 93 2.39 3.97 -21.18
C ILE A 93 1.89 2.89 -20.20
N ALA A 94 0.69 2.38 -20.45
CA ALA A 94 0.19 1.15 -19.81
C ALA A 94 0.41 1.08 -18.30
N GLU A 95 -0.19 2.03 -17.59
CA GLU A 95 -0.15 2.12 -16.13
C GLU A 95 1.29 2.03 -15.57
N TYR A 96 2.20 2.75 -16.23
CA TYR A 96 3.60 2.82 -15.78
C TYR A 96 4.15 1.43 -15.48
N THR A 97 3.95 0.54 -16.45
CA THR A 97 4.44 -0.87 -16.50
C THR A 97 3.55 -1.89 -15.81
N ALA A 98 2.63 -1.41 -14.98
CA ALA A 98 1.70 -2.28 -14.30
C ALA A 98 0.71 -2.94 -15.27
N GLY A 99 0.29 -2.18 -16.29
CA GLY A 99 -0.77 -2.63 -17.20
C GLY A 99 -0.32 -3.48 -18.37
N VAL A 100 0.55 -4.46 -18.10
CA VAL A 100 1.10 -5.29 -19.17
C VAL A 100 0.03 -6.15 -19.91
N TYR A 101 -1.11 -6.37 -19.26
CA TYR A 101 -2.18 -7.21 -19.81
C TYR A 101 -3.17 -6.44 -20.67
N GLY A 102 -3.00 -5.12 -20.77
CA GLY A 102 -4.02 -4.28 -21.38
C GLY A 102 -5.10 -3.95 -20.35
N HIS A 103 -6.13 -3.23 -20.81
CA HIS A 103 -7.13 -2.68 -19.91
C HIS A 103 -8.35 -3.54 -19.69
N SER A 104 -8.47 -4.63 -20.45
CA SER A 104 -9.68 -5.45 -20.40
C SER A 104 -9.45 -6.94 -20.66
N ALA A 105 -8.36 -7.48 -20.12
CA ALA A 105 -8.06 -8.90 -20.33
C ALA A 105 -9.13 -9.78 -19.69
N PRO A 106 -9.78 -10.65 -20.49
CA PRO A 106 -10.83 -11.55 -19.96
C PRO A 106 -10.32 -12.53 -18.90
N GLU A 107 -9.08 -13.00 -19.05
CA GLU A 107 -8.48 -13.93 -18.07
C GLU A 107 -8.36 -13.29 -16.69
N ILE A 108 -8.02 -12.01 -16.65
CA ILE A 108 -7.93 -11.28 -15.40
C ILE A 108 -9.32 -11.04 -14.83
N ARG A 109 -10.22 -10.52 -15.68
CA ARG A 109 -11.57 -10.22 -15.25
C ARG A 109 -12.32 -11.45 -14.74
N ASP A 110 -12.23 -12.55 -15.49
CA ASP A 110 -12.87 -13.81 -15.07
C ASP A 110 -12.31 -14.35 -13.77
N ALA A 111 -10.99 -14.26 -13.58
CA ALA A 111 -10.36 -14.70 -12.33
C ALA A 111 -10.78 -13.86 -11.13
N VAL A 112 -10.96 -12.56 -11.34
CA VAL A 112 -11.43 -11.66 -10.28
C VAL A 112 -12.91 -11.91 -9.94
N ILE A 113 -13.74 -12.16 -10.95
CA ILE A 113 -15.16 -12.49 -10.74
C ILE A 113 -15.29 -13.80 -9.95
N GLU A 114 -14.52 -14.81 -10.35
CA GLU A 114 -14.45 -16.10 -9.67
C GLU A 114 -14.13 -15.95 -8.19
N ALA A 115 -13.10 -15.16 -7.89
CA ALA A 115 -12.68 -14.94 -6.51
C ALA A 115 -13.75 -14.21 -5.69
N MET A 116 -14.43 -13.25 -6.32
CA MET A 116 -15.51 -12.51 -5.65
C MET A 116 -16.71 -13.39 -5.32
N GLN A 117 -16.96 -14.39 -6.17
CA GLN A 117 -18.07 -15.34 -5.96
C GLN A 117 -17.80 -16.30 -4.79
N GLY A 118 -16.52 -16.49 -4.46
CA GLY A 118 -16.13 -17.28 -3.30
C GLY A 118 -16.10 -16.45 -2.02
N GLY A 119 -16.36 -15.16 -2.14
CA GLY A 119 -16.33 -14.25 -1.00
C GLY A 119 -15.03 -13.47 -0.86
N ILE A 120 -15.14 -12.21 -0.44
CA ILE A 120 -13.95 -11.36 -0.24
C ILE A 120 -13.74 -11.00 1.24
N ASN A 121 -12.64 -10.29 1.52
CA ASN A 121 -12.27 -9.91 2.88
C ASN A 121 -12.30 -11.11 3.82
N LEU A 122 -11.61 -12.19 3.45
CA LEU A 122 -11.79 -13.49 4.11
C LEU A 122 -11.13 -13.63 5.49
N THR A 123 -10.34 -12.63 5.89
CA THR A 123 -9.79 -12.51 7.24
C THR A 123 -9.04 -13.76 7.70
N GLY A 124 -8.11 -14.21 6.89
CA GLY A 124 -7.26 -15.34 7.25
C GLY A 124 -6.41 -15.82 6.11
N HIS A 125 -5.59 -16.82 6.39
CA HIS A 125 -4.92 -17.56 5.33
C HIS A 125 -6.03 -18.05 4.40
N ASN A 126 -5.78 -17.97 3.10
CA ASN A 126 -6.77 -18.37 2.11
C ASN A 126 -6.21 -19.40 1.12
N LEU A 127 -7.04 -19.82 0.16
CA LEU A 127 -6.70 -20.88 -0.80
C LEU A 127 -5.89 -20.36 -2.00
N LEU A 128 -5.76 -19.04 -2.11
CA LEU A 128 -5.20 -18.44 -3.34
C LEU A 128 -3.78 -17.91 -3.19
N GLU A 129 -3.42 -17.48 -1.98
CA GLU A 129 -2.14 -16.81 -1.75
C GLU A 129 -0.92 -17.72 -1.94
N GLY A 130 -1.08 -18.99 -1.61
CA GLY A 130 0.01 -19.96 -1.72
C GLY A 130 0.39 -20.26 -3.15
N ARG A 131 -0.61 -20.32 -4.02
CA ARG A 131 -0.40 -20.53 -5.46
C ARG A 131 0.51 -19.45 -6.04
N LEU A 132 0.22 -18.19 -5.68
CA LEU A 132 0.95 -17.05 -6.24
C LEU A 132 2.35 -16.96 -5.64
N ALA A 133 2.46 -17.20 -4.33
CA ALA A 133 3.76 -17.22 -3.65
C ALA A 133 4.71 -18.26 -4.26
N ARG A 134 4.21 -19.47 -4.49
CA ARG A 134 5.00 -20.53 -5.10
C ARG A 134 5.43 -20.12 -6.52
N LEU A 135 4.49 -19.56 -7.27
CA LEU A 135 4.76 -19.15 -8.65
C LEU A 135 5.92 -18.14 -8.71
N ILE A 136 5.89 -17.14 -7.82
CA ILE A 136 6.94 -16.11 -7.79
C ILE A 136 8.29 -16.72 -7.45
N CYS A 137 8.31 -17.56 -6.42
CA CYS A 137 9.55 -18.21 -5.98
C CYS A 137 10.18 -19.07 -7.06
N GLU A 138 9.34 -19.73 -7.85
CA GLU A 138 9.83 -20.59 -8.93
C GLU A 138 10.32 -19.81 -10.14
N ARG A 139 9.60 -18.77 -10.54
CA ARG A 139 10.00 -17.95 -11.70
C ARG A 139 11.17 -17.02 -11.37
N PHE A 140 11.28 -16.61 -10.12
CA PHE A 140 12.42 -15.81 -9.66
C PHE A 140 13.15 -16.54 -8.54
N PRO A 141 14.02 -17.53 -8.87
CA PRO A 141 14.58 -18.44 -7.86
C PRO A 141 15.48 -17.78 -6.79
N GLN A 142 15.92 -16.55 -7.04
CA GLN A 142 16.60 -15.75 -6.01
C GLN A 142 15.65 -15.45 -4.84
N ILE A 143 14.35 -15.67 -5.07
CA ILE A 143 13.36 -15.50 -4.02
C ILE A 143 13.01 -16.89 -3.48
N GLU A 144 13.52 -17.20 -2.28
CA GLU A 144 13.30 -18.50 -1.66
C GLU A 144 12.00 -18.49 -0.89
N GLN A 145 11.75 -17.38 -0.20
CA GLN A 145 10.48 -17.12 0.48
C GLN A 145 10.12 -15.65 0.30
N LEU A 146 8.83 -15.33 0.37
CA LEU A 146 8.35 -13.96 0.18
C LEU A 146 7.22 -13.58 1.13
N ARG A 147 6.90 -12.29 1.16
CA ARG A 147 5.67 -11.78 1.78
C ARG A 147 5.05 -10.73 0.86
N PHE A 148 3.73 -10.73 0.76
CA PHE A 148 3.02 -9.75 -0.07
C PHE A 148 2.80 -8.43 0.68
N THR A 149 2.84 -7.33 -0.06
CA THR A 149 2.49 -5.99 0.44
C THR A 149 1.42 -5.37 -0.48
N ASN A 150 1.05 -4.12 -0.19
CA ASN A 150 0.02 -3.44 -1.00
C ASN A 150 0.59 -2.52 -2.06
N SER A 151 1.92 -2.44 -2.15
CA SER A 151 2.60 -1.58 -3.13
C SER A 151 4.09 -1.89 -3.19
N GLY A 152 4.74 -1.35 -4.22
CA GLY A 152 6.21 -1.39 -4.32
C GLY A 152 6.89 -0.63 -3.19
N THR A 153 6.31 0.51 -2.81
CA THR A 153 6.83 1.32 -1.71
C THR A 153 6.94 0.52 -0.40
N GLU A 154 5.84 -0.13 -0.01
CA GLU A 154 5.83 -0.98 1.19
C GLU A 154 6.85 -2.11 1.06
N ALA A 155 6.91 -2.76 -0.09
CA ALA A 155 7.87 -3.85 -0.31
C ALA A 155 9.31 -3.37 -0.05
N ASN A 156 9.67 -2.22 -0.62
CA ASN A 156 10.98 -1.62 -0.38
C ASN A 156 11.22 -1.21 1.07
N LEU A 157 10.22 -0.62 1.71
CA LEU A 157 10.32 -0.30 3.14
C LEU A 157 10.55 -1.54 3.99
N MET A 158 9.76 -2.58 3.75
CA MET A 158 9.90 -3.84 4.48
C MET A 158 11.25 -4.51 4.26
N ALA A 159 11.72 -4.55 3.02
CA ALA A 159 13.04 -5.11 2.70
C ALA A 159 14.18 -4.36 3.42
N LEU A 160 14.10 -3.04 3.44
CA LEU A 160 15.08 -2.22 4.17
C LEU A 160 15.06 -2.53 5.67
N THR A 161 13.86 -2.63 6.23
CA THR A 161 13.67 -2.96 7.65
C THR A 161 14.26 -4.33 8.00
N ALA A 162 14.00 -5.31 7.15
CA ALA A 162 14.56 -6.65 7.30
C ALA A 162 16.08 -6.61 7.29
N ALA A 163 16.64 -5.88 6.34
CA ALA A 163 18.09 -5.82 6.16
C ALA A 163 18.77 -5.17 7.37
N LEU A 164 18.18 -4.10 7.90
CA LEU A 164 18.75 -3.41 9.06
C LEU A 164 18.79 -4.31 10.29
N HIS A 165 17.69 -5.02 10.55
CA HIS A 165 17.61 -5.92 11.69
C HIS A 165 18.49 -7.16 11.53
N PHE A 166 18.57 -7.68 10.31
CA PHE A 166 19.40 -8.86 10.04
C PHE A 166 20.88 -8.58 10.26
N THR A 167 21.36 -7.41 9.82
CA THR A 167 22.78 -7.09 9.91
C THR A 167 23.15 -6.40 11.23
N GLY A 168 22.14 -5.81 11.89
CA GLY A 168 22.38 -5.00 13.08
C GLY A 168 23.03 -3.66 12.77
N ARG A 169 22.92 -3.21 11.51
CA ARG A 169 23.53 -1.95 11.08
C ARG A 169 22.47 -0.94 10.65
N ARG A 170 22.90 0.28 10.32
CA ARG A 170 21.97 1.39 10.09
C ARG A 170 22.11 2.08 8.72
N LYS A 171 23.31 2.06 8.15
CA LYS A 171 23.57 2.85 6.94
C LYS A 171 23.06 2.12 5.71
N ILE A 172 22.37 2.87 4.84
CA ILE A 172 21.79 2.33 3.61
C ILE A 172 22.35 3.06 2.40
N VAL A 173 23.00 2.31 1.50
CA VAL A 173 23.51 2.86 0.26
C VAL A 173 22.43 2.84 -0.81
N VAL A 174 22.18 4.01 -1.40
CA VAL A 174 21.29 4.18 -2.54
C VAL A 174 21.98 5.07 -3.56
N PHE A 175 21.32 5.27 -4.70
CA PHE A 175 21.95 5.98 -5.79
C PHE A 175 21.12 7.15 -6.31
N SER A 176 21.80 8.23 -6.69
CA SER A 176 21.14 9.43 -7.21
C SER A 176 20.28 9.08 -8.42
N GLY A 177 19.12 9.72 -8.50
CA GLY A 177 18.14 9.42 -9.55
C GLY A 177 17.31 8.20 -9.22
N GLY A 178 17.66 7.50 -8.14
CA GLY A 178 16.96 6.28 -7.74
C GLY A 178 15.55 6.57 -7.27
N TYR A 179 14.61 5.71 -7.68
CA TYR A 179 13.22 5.79 -7.22
C TYR A 179 12.73 4.44 -6.72
N HIS A 180 12.30 4.41 -5.47
CA HIS A 180 11.92 3.18 -4.81
C HIS A 180 10.54 3.29 -4.19
N GLY A 181 9.85 4.39 -4.51
CA GLY A 181 8.48 4.59 -4.03
C GLY A 181 8.25 5.98 -3.48
N GLY A 182 7.05 6.18 -2.94
CA GLY A 182 6.56 7.50 -2.57
C GLY A 182 7.41 8.21 -1.54
N VAL A 183 8.00 7.45 -0.62
CA VAL A 183 8.82 8.01 0.43
C VAL A 183 10.27 7.53 0.35
N LEU A 184 10.69 7.12 -0.85
CA LEU A 184 12.05 6.64 -1.07
C LEU A 184 12.59 7.11 -2.43
N GLY A 185 12.81 8.42 -2.54
CA GLY A 185 13.31 9.02 -3.78
C GLY A 185 14.57 9.83 -3.54
N PHE A 186 15.48 9.81 -4.51
CA PHE A 186 16.78 10.45 -4.35
C PHE A 186 17.22 11.19 -5.60
N GLY A 187 17.61 12.45 -5.40
CA GLY A 187 18.46 13.14 -6.37
C GLY A 187 19.86 12.90 -5.87
N ALA A 188 20.67 13.96 -5.80
CA ALA A 188 21.99 13.87 -5.17
C ALA A 188 21.82 13.76 -3.66
N ARG A 189 20.70 14.28 -3.17
CA ARG A 189 20.30 14.15 -1.77
C ARG A 189 18.90 13.50 -1.74
N PRO A 190 18.47 12.99 -0.58
CA PRO A 190 17.09 12.47 -0.49
C PRO A 190 16.06 13.56 -0.80
N SER A 191 15.00 13.18 -1.54
CA SER A 191 13.91 14.11 -1.84
C SER A 191 13.17 14.54 -0.55
N PRO A 192 12.49 15.71 -0.58
CA PRO A 192 11.88 16.21 0.66
C PRO A 192 10.85 15.27 1.28
N THR A 193 10.39 14.29 0.50
CA THR A 193 9.35 13.39 0.95
C THR A 193 9.90 12.06 1.52
N THR A 194 11.22 11.91 1.50
CA THR A 194 11.87 10.65 1.83
C THR A 194 12.02 10.41 3.35
N VAL A 195 11.71 9.18 3.77
CA VAL A 195 11.86 8.75 5.17
C VAL A 195 13.32 8.90 5.64
N PRO A 196 13.53 9.49 6.83
CA PRO A 196 14.90 9.80 7.27
C PRO A 196 15.70 8.60 7.83
N PHE A 197 15.86 7.56 7.01
CA PHE A 197 16.84 6.52 7.28
C PHE A 197 18.22 7.16 7.16
N ASP A 198 19.26 6.45 7.61
CA ASP A 198 20.62 6.93 7.39
C ASP A 198 21.11 6.56 6.00
N PHE A 199 20.86 7.45 5.04
CA PHE A 199 21.15 7.19 3.63
C PHE A 199 22.52 7.69 3.22
N LEU A 200 23.22 6.87 2.44
CA LEU A 200 24.44 7.30 1.74
C LEU A 200 24.15 7.23 0.25
N VAL A 201 24.08 8.41 -0.38
CA VAL A 201 23.67 8.52 -1.77
C VAL A 201 24.90 8.60 -2.66
N LEU A 202 24.98 7.70 -3.63
CA LEU A 202 26.15 7.60 -4.50
C LEU A 202 25.76 7.73 -5.97
N PRO A 203 26.73 8.11 -6.85
CA PRO A 203 26.41 8.27 -8.27
C PRO A 203 26.14 6.93 -8.94
N TYR A 204 25.06 6.88 -9.72
CA TYR A 204 24.69 5.68 -10.47
C TYR A 204 25.72 5.43 -11.57
N ASN A 205 26.03 4.16 -11.80
CA ASN A 205 27.00 3.76 -12.82
C ASN A 205 28.42 4.30 -12.61
N ASP A 206 28.75 4.57 -11.35
CA ASP A 206 30.10 4.95 -10.97
C ASP A 206 30.69 3.87 -10.07
N ALA A 207 31.32 2.87 -10.69
CA ALA A 207 31.84 1.70 -9.99
C ALA A 207 32.96 2.04 -9.00
N GLN A 208 33.81 3.00 -9.37
CA GLN A 208 34.97 3.36 -8.54
C GLN A 208 34.54 4.06 -7.24
N THR A 209 33.60 5.00 -7.34
CA THR A 209 33.06 5.69 -6.17
C THR A 209 32.28 4.72 -5.28
N ALA A 210 31.55 3.80 -5.91
CA ALA A 210 30.79 2.81 -5.16
C ALA A 210 31.71 1.92 -4.32
N ARG A 211 32.77 1.40 -4.95
CA ARG A 211 33.73 0.52 -4.25
C ARG A 211 34.45 1.23 -3.11
N ALA A 212 34.87 2.47 -3.35
CA ALA A 212 35.62 3.24 -2.36
C ALA A 212 34.75 3.61 -1.16
N GLN A 213 33.52 4.05 -1.43
CA GLN A 213 32.60 4.47 -0.38
C GLN A 213 32.05 3.32 0.43
N ILE A 214 31.74 2.21 -0.23
CA ILE A 214 31.22 1.03 0.46
C ILE A 214 32.28 0.44 1.39
N GLU A 215 33.53 0.40 0.94
CA GLU A 215 34.60 -0.09 1.81
C GLU A 215 34.93 0.90 2.95
N ARG A 216 34.94 2.20 2.66
CA ARG A 216 35.16 3.24 3.67
C ARG A 216 34.17 3.16 4.85
N HIS A 217 32.89 2.91 4.53
CA HIS A 217 31.83 2.86 5.54
C HIS A 217 31.31 1.44 5.77
N GLY A 218 32.11 0.47 5.32
CA GLY A 218 31.80 -0.96 5.42
C GLY A 218 30.99 -1.44 6.61
N PRO A 219 31.60 -1.40 7.82
CA PRO A 219 31.00 -1.93 9.05
C PRO A 219 29.68 -1.27 9.47
N GLU A 220 29.34 -0.14 8.85
CA GLU A 220 28.09 0.58 9.13
C GLU A 220 26.96 0.26 8.13
N ILE A 221 27.33 -0.32 7.00
CA ILE A 221 26.39 -0.52 5.88
C ILE A 221 25.63 -1.83 5.99
N ALA A 222 24.32 -1.70 6.22
CA ALA A 222 23.41 -2.83 6.32
C ALA A 222 23.03 -3.37 4.94
N VAL A 223 22.94 -2.46 3.97
CA VAL A 223 22.27 -2.76 2.71
C VAL A 223 22.65 -1.80 1.59
N VAL A 224 22.77 -2.36 0.40
CA VAL A 224 22.87 -1.59 -0.82
C VAL A 224 21.58 -1.81 -1.60
N LEU A 225 20.87 -0.71 -1.91
CA LEU A 225 19.61 -0.78 -2.63
C LEU A 225 19.73 -0.11 -3.99
N VAL A 226 19.44 -0.86 -5.05
CA VAL A 226 19.64 -0.40 -6.42
C VAL A 226 18.65 -1.03 -7.42
N GLU A 227 18.24 -0.23 -8.40
CA GLU A 227 17.50 -0.69 -9.57
C GLU A 227 18.53 -1.17 -10.60
N PRO A 228 18.35 -2.38 -11.16
CA PRO A 228 19.32 -2.83 -12.18
C PRO A 228 19.20 -2.02 -13.48
N MET A 229 18.05 -1.39 -13.68
CA MET A 229 17.88 -0.31 -14.64
C MET A 229 16.99 0.72 -13.97
N GLN A 230 17.46 1.94 -13.84
CA GLN A 230 16.67 3.00 -13.22
C GLN A 230 15.49 3.33 -14.11
N GLY A 231 14.29 3.37 -13.52
CA GLY A 231 13.07 3.64 -14.28
C GLY A 231 12.73 5.11 -14.35
N ALA A 232 12.33 5.67 -13.21
CA ALA A 232 11.89 7.07 -13.11
C ALA A 232 12.90 8.09 -13.66
N SER A 233 14.19 7.80 -13.53
CA SER A 233 15.22 8.73 -13.99
C SER A 233 15.39 8.74 -15.53
N GLY A 234 14.77 7.76 -16.20
CA GLY A 234 14.72 7.75 -17.66
C GLY A 234 15.15 6.47 -18.35
N CYS A 235 14.77 5.31 -17.81
CA CYS A 235 15.22 4.01 -18.33
C CYS A 235 16.74 4.00 -18.60
N ILE A 236 17.52 4.09 -17.54
CA ILE A 236 18.97 4.07 -17.65
C ILE A 236 19.50 2.74 -17.14
N PRO A 237 20.03 1.90 -18.05
CA PRO A 237 20.56 0.60 -17.64
C PRO A 237 21.74 0.73 -16.68
N GLY A 238 21.77 -0.13 -15.66
CA GLY A 238 22.96 -0.29 -14.82
C GLY A 238 23.98 -1.07 -15.61
N GLN A 239 25.20 -0.54 -15.70
CA GLN A 239 26.28 -1.21 -16.42
C GLN A 239 26.71 -2.45 -15.64
N PRO A 240 27.03 -3.56 -16.34
CA PRO A 240 27.40 -4.81 -15.68
C PRO A 240 28.51 -4.63 -14.65
N ASP A 241 29.57 -3.91 -15.01
CA ASP A 241 30.70 -3.73 -14.10
C ASP A 241 30.29 -2.99 -12.81
N PHE A 242 29.43 -2.00 -12.94
CA PHE A 242 28.88 -1.27 -11.80
C PHE A 242 28.04 -2.18 -10.91
N LEU A 243 27.11 -2.91 -11.51
CA LEU A 243 26.24 -3.79 -10.75
C LEU A 243 27.01 -4.92 -10.06
N GLN A 244 28.04 -5.44 -10.74
CA GLN A 244 28.92 -6.45 -10.14
C GLN A 244 29.75 -5.88 -9.00
N ALA A 245 30.21 -4.63 -9.16
CA ALA A 245 30.94 -3.91 -8.11
C ALA A 245 30.09 -3.83 -6.84
N LEU A 246 28.79 -3.62 -7.01
CA LEU A 246 27.85 -3.62 -5.89
C LEU A 246 27.76 -4.98 -5.21
N ARG A 247 27.67 -6.05 -6.01
CA ARG A 247 27.59 -7.39 -5.44
C ARG A 247 28.86 -7.72 -4.69
N GLU A 248 30.00 -7.42 -5.33
CA GLU A 248 31.32 -7.70 -4.77
C GLU A 248 31.57 -6.94 -3.46
N SER A 249 31.37 -5.63 -3.51
CA SER A 249 31.54 -4.78 -2.32
C SER A 249 30.59 -5.12 -1.18
N ALA A 250 29.32 -5.39 -1.49
CA ALA A 250 28.35 -5.77 -0.47
C ALA A 250 28.78 -7.04 0.28
N THR A 251 29.18 -8.06 -0.50
CA THR A 251 29.66 -9.33 0.06
C THR A 251 30.94 -9.14 0.89
N GLN A 252 31.87 -8.38 0.34
CA GLN A 252 33.14 -8.05 1.00
C GLN A 252 32.91 -7.48 2.40
N VAL A 253 31.91 -6.62 2.49
CA VAL A 253 31.69 -5.76 3.65
C VAL A 253 30.67 -6.32 4.64
N GLY A 254 29.86 -7.28 4.18
CA GLY A 254 28.83 -7.91 5.03
C GLY A 254 27.44 -7.27 4.93
N ALA A 255 27.26 -6.42 3.92
CA ALA A 255 25.98 -5.78 3.64
C ALA A 255 25.12 -6.69 2.78
N LEU A 256 23.80 -6.53 2.86
CA LEU A 256 22.91 -7.23 1.95
C LEU A 256 22.72 -6.41 0.69
N LEU A 257 22.73 -7.09 -0.46
CA LEU A 257 22.36 -6.44 -1.70
C LEU A 257 20.87 -6.67 -1.97
N VAL A 258 20.14 -5.58 -2.19
CA VAL A 258 18.73 -5.65 -2.55
C VAL A 258 18.51 -5.08 -3.96
N PHE A 259 18.00 -5.92 -4.87
CA PHE A 259 17.62 -5.44 -6.19
C PHE A 259 16.16 -5.01 -6.15
N ASP A 260 15.92 -3.75 -6.52
CA ASP A 260 14.55 -3.27 -6.69
C ASP A 260 14.13 -3.61 -8.12
N GLU A 261 13.33 -4.68 -8.25
CA GLU A 261 12.83 -5.12 -9.56
C GLU A 261 11.33 -4.91 -9.72
N VAL A 262 10.79 -3.95 -8.98
CA VAL A 262 9.38 -3.54 -9.10
C VAL A 262 9.02 -3.30 -10.58
N MET A 263 9.90 -2.62 -11.29
CA MET A 263 9.70 -2.39 -12.71
C MET A 263 10.45 -3.44 -13.54
N THR A 264 11.67 -3.71 -13.10
CA THR A 264 12.67 -4.44 -13.88
C THR A 264 12.39 -5.96 -14.05
N SER A 265 11.58 -6.55 -13.15
CA SER A 265 11.27 -7.99 -13.19
C SER A 265 10.60 -8.47 -14.49
N ARG A 266 10.01 -7.54 -15.23
CA ARG A 266 9.32 -7.85 -16.49
C ARG A 266 10.24 -7.96 -17.71
N LEU A 267 11.50 -7.56 -17.57
CA LEU A 267 12.39 -7.32 -18.71
C LEU A 267 12.97 -8.56 -19.36
N ALA A 268 12.87 -9.69 -18.67
CA ALA A 268 13.34 -10.97 -19.18
C ALA A 268 12.45 -12.07 -18.61
N PRO A 269 12.52 -13.30 -19.15
CA PRO A 269 11.66 -14.37 -18.64
C PRO A 269 11.75 -14.58 -17.12
N HIS A 270 12.91 -14.28 -16.53
CA HIS A 270 13.08 -14.39 -15.07
C HIS A 270 13.63 -13.11 -14.40
N GLY A 271 13.33 -11.97 -15.02
CA GLY A 271 13.75 -10.67 -14.49
C GLY A 271 15.12 -10.27 -14.98
N LEU A 272 15.49 -9.02 -14.73
CA LEU A 272 16.76 -8.47 -15.24
C LEU A 272 18.00 -9.01 -14.52
N ALA A 273 17.93 -9.13 -13.20
CA ALA A 273 19.05 -9.64 -12.42
C ALA A 273 19.50 -11.01 -12.92
N ASN A 274 18.54 -11.92 -13.12
CA ASN A 274 18.80 -13.24 -13.67
C ASN A 274 19.34 -13.24 -15.09
N LYS A 275 18.87 -12.31 -15.92
CA LYS A 275 19.41 -12.13 -17.27
C LYS A 275 20.90 -11.77 -17.18
N LEU A 276 21.23 -10.95 -16.18
CA LEU A 276 22.60 -10.48 -15.99
C LEU A 276 23.45 -11.47 -15.20
N GLY A 277 22.80 -12.48 -14.60
CA GLY A 277 23.48 -13.50 -13.80
C GLY A 277 23.89 -13.07 -12.40
N ILE A 278 23.33 -11.97 -11.92
CA ILE A 278 23.67 -11.43 -10.59
C ILE A 278 22.58 -11.75 -9.56
N ARG A 279 23.01 -12.24 -8.40
CA ARG A 279 22.10 -12.68 -7.36
C ARG A 279 22.10 -11.71 -6.17
N SER A 280 20.94 -11.11 -5.89
CA SER A 280 20.78 -10.25 -4.72
C SER A 280 20.26 -11.04 -3.52
N ASP A 281 20.54 -10.53 -2.31
CA ASP A 281 20.08 -11.13 -1.06
C ASP A 281 18.56 -11.02 -0.91
N LEU A 282 18.01 -9.88 -1.34
CA LEU A 282 16.56 -9.67 -1.37
C LEU A 282 16.17 -9.05 -2.72
N THR A 283 14.94 -9.27 -3.13
CA THR A 283 14.39 -8.65 -4.33
C THR A 283 13.01 -8.10 -3.99
N THR A 284 12.71 -6.92 -4.50
CA THR A 284 11.37 -6.36 -4.37
C THR A 284 10.64 -6.37 -5.70
N LEU A 285 9.33 -6.57 -5.63
CA LEU A 285 8.47 -6.73 -6.79
C LEU A 285 7.22 -5.88 -6.66
N GLY A 286 6.59 -5.62 -7.80
CA GLY A 286 5.33 -4.87 -7.81
C GLY A 286 4.75 -4.83 -9.20
N LYS A 287 4.05 -3.73 -9.48
CA LYS A 287 3.44 -3.43 -10.78
C LYS A 287 2.53 -4.56 -11.32
N TYR A 288 2.97 -5.26 -12.36
CA TYR A 288 2.13 -6.23 -13.09
C TYR A 288 1.92 -7.57 -12.37
N ILE A 289 2.74 -7.85 -11.35
CA ILE A 289 2.73 -9.17 -10.69
C ILE A 289 1.39 -9.52 -10.03
N GLY A 290 0.64 -8.50 -9.64
CA GLY A 290 -0.69 -8.70 -9.05
C GLY A 290 -1.83 -8.69 -10.06
N GLY A 291 -1.51 -8.88 -11.34
CA GLY A 291 -2.52 -9.01 -12.40
C GLY A 291 -3.20 -7.72 -12.82
N GLY A 292 -2.70 -6.59 -12.31
CA GLY A 292 -3.35 -5.30 -12.53
C GLY A 292 -4.00 -4.77 -11.26
N MET A 293 -3.98 -5.58 -10.22
CA MET A 293 -4.49 -5.19 -8.90
C MET A 293 -3.37 -4.63 -8.06
N SER A 294 -3.74 -3.91 -6.99
CA SER A 294 -2.77 -3.36 -6.05
C SER A 294 -1.91 -4.50 -5.53
N PHE A 295 -0.59 -4.28 -5.59
CA PHE A 295 0.37 -5.35 -5.32
C PHE A 295 1.78 -4.85 -5.05
N GLY A 296 2.43 -5.55 -4.13
CA GLY A 296 3.86 -5.45 -3.91
C GLY A 296 4.30 -6.76 -3.27
N ALA A 297 5.58 -7.09 -3.39
CA ALA A 297 6.14 -8.23 -2.68
C ALA A 297 7.62 -8.01 -2.40
N PHE A 298 8.08 -8.55 -1.28
CA PHE A 298 9.49 -8.62 -0.99
C PHE A 298 9.86 -10.03 -0.52
N GLY A 299 11.05 -10.46 -0.92
CA GLY A 299 11.52 -11.79 -0.57
C GLY A 299 12.96 -12.00 -1.00
N GLY A 300 13.46 -13.22 -0.73
CA GLY A 300 14.85 -13.56 -0.99
C GLY A 300 15.30 -14.72 -0.15
N ARG A 301 16.53 -14.61 0.38
CA ARG A 301 17.09 -15.62 1.28
C ARG A 301 16.12 -16.01 2.38
N ALA A 302 15.94 -17.32 2.53
CA ALA A 302 15.08 -17.91 3.57
C ALA A 302 15.53 -17.53 4.99
N ASP A 303 16.84 -17.41 5.19
CA ASP A 303 17.35 -17.05 6.52
C ASP A 303 17.06 -15.59 6.92
N VAL A 304 17.07 -14.68 5.94
CA VAL A 304 16.67 -13.29 6.19
C VAL A 304 15.14 -13.19 6.37
N MET A 305 14.40 -13.90 5.53
CA MET A 305 12.95 -13.89 5.63
C MET A 305 12.44 -14.51 6.95
N ALA A 306 13.25 -15.37 7.57
CA ALA A 306 12.93 -15.99 8.86
C ALA A 306 12.62 -14.99 9.98
N LEU A 307 13.22 -13.79 9.90
CA LEU A 307 12.89 -12.70 10.82
C LEU A 307 11.39 -12.43 10.93
N PHE A 308 10.65 -12.75 9.87
CA PHE A 308 9.20 -12.54 9.84
C PHE A 308 8.35 -13.78 10.18
N ASP A 309 8.99 -14.93 10.33
CA ASP A 309 8.28 -16.15 10.73
C ASP A 309 7.64 -15.88 12.10
N PRO A 310 6.29 -15.90 12.16
CA PRO A 310 5.61 -15.52 13.41
C PRO A 310 5.90 -16.48 14.56
N ARG A 311 6.27 -17.72 14.23
CA ARG A 311 6.56 -18.74 15.23
C ARG A 311 7.83 -18.43 16.02
N THR A 312 8.86 -17.95 15.33
CA THR A 312 10.20 -17.82 15.91
C THR A 312 10.88 -16.46 15.70
N GLY A 313 10.42 -15.70 14.71
CA GLY A 313 11.06 -14.45 14.32
C GLY A 313 10.65 -13.24 15.14
N PRO A 314 11.55 -12.24 15.26
CA PRO A 314 11.29 -11.05 16.07
C PRO A 314 10.49 -9.95 15.36
N LEU A 315 10.39 -10.01 14.03
CA LEU A 315 9.72 -8.96 13.27
C LEU A 315 8.26 -9.30 12.94
N ALA A 316 7.40 -8.31 13.11
CA ALA A 316 5.99 -8.43 12.72
C ALA A 316 5.72 -7.62 11.46
N HIS A 317 4.87 -8.16 10.59
CA HIS A 317 4.47 -7.48 9.37
C HIS A 317 3.02 -7.80 9.00
N SER A 318 2.12 -6.93 9.45
CA SER A 318 0.71 -7.00 9.08
C SER A 318 0.44 -5.97 7.99
N GLY A 319 -0.85 -5.73 7.72
CA GLY A 319 -1.27 -4.86 6.62
C GLY A 319 -2.51 -5.49 6.02
N THR A 320 -3.65 -4.83 6.21
CA THR A 320 -4.95 -5.48 6.05
C THR A 320 -5.23 -6.11 4.68
N PHE A 321 -4.69 -5.52 3.62
CA PHE A 321 -4.97 -6.04 2.28
C PHE A 321 -3.83 -6.87 1.66
N ASN A 322 -2.79 -7.15 2.45
CA ASN A 322 -1.60 -7.91 2.01
C ASN A 322 -1.92 -9.13 1.16
N ASN A 323 -2.85 -9.97 1.64
CA ASN A 323 -3.16 -11.25 0.99
C ASN A 323 -4.55 -11.33 0.35
N ASN A 324 -5.13 -10.19 -0.02
CA ASN A 324 -6.52 -10.13 -0.52
C ASN A 324 -6.77 -11.01 -1.74
N VAL A 325 -7.90 -11.72 -1.76
CA VAL A 325 -8.20 -12.72 -2.79
C VAL A 325 -8.26 -12.16 -4.21
N MET A 326 -8.59 -10.87 -4.32
CA MET A 326 -8.66 -10.17 -5.61
C MET A 326 -7.30 -10.21 -6.30
N THR A 327 -6.31 -9.64 -5.61
CA THR A 327 -4.93 -9.61 -6.06
C THR A 327 -4.35 -11.01 -6.27
N MET A 328 -4.56 -11.89 -5.29
CA MET A 328 -4.04 -13.26 -5.38
C MET A 328 -4.55 -13.97 -6.63
N ALA A 329 -5.83 -13.80 -6.94
CA ALA A 329 -6.44 -14.44 -8.11
C ALA A 329 -5.96 -13.84 -9.44
N ALA A 330 -5.97 -12.52 -9.53
CA ALA A 330 -5.56 -11.82 -10.75
C ALA A 330 -4.08 -12.05 -11.04
N GLY A 331 -3.25 -11.99 -10.00
CA GLY A 331 -1.82 -12.22 -10.13
C GLY A 331 -1.52 -13.59 -10.70
N TYR A 332 -2.13 -14.62 -10.12
CA TYR A 332 -1.91 -15.99 -10.59
C TYR A 332 -2.40 -16.18 -12.03
N ALA A 333 -3.57 -15.63 -12.34
CA ALA A 333 -4.13 -15.73 -13.69
C ALA A 333 -3.22 -15.06 -14.74
N GLY A 334 -2.82 -13.82 -14.47
CA GLY A 334 -1.97 -13.07 -15.40
C GLY A 334 -0.65 -13.75 -15.73
N LEU A 335 0.00 -14.23 -14.67
CA LEU A 335 1.33 -14.84 -14.76
C LEU A 335 1.35 -16.25 -15.37
N THR A 336 0.23 -16.98 -15.28
CA THR A 336 0.15 -18.33 -15.87
C THR A 336 -0.43 -18.34 -17.27
N LYS A 337 -1.38 -17.46 -17.54
CA LYS A 337 -2.12 -17.49 -18.82
C LYS A 337 -1.66 -16.45 -19.84
N LEU A 338 -1.17 -15.31 -19.36
CA LEU A 338 -0.87 -14.18 -20.25
C LEU A 338 0.60 -13.76 -20.25
N PHE A 339 1.07 -13.20 -19.16
CA PHE A 339 2.44 -12.71 -19.13
C PHE A 339 3.36 -13.78 -18.54
N THR A 340 3.45 -14.89 -19.27
CA THR A 340 4.33 -16.01 -18.96
C THR A 340 5.79 -15.61 -19.21
N PRO A 341 6.77 -16.41 -18.71
CA PRO A 341 8.18 -16.13 -18.99
C PRO A 341 8.47 -15.99 -20.50
N GLU A 342 7.91 -16.90 -21.29
CA GLU A 342 8.00 -16.85 -22.75
C GLU A 342 7.45 -15.53 -23.32
N ALA A 343 6.29 -15.11 -22.83
CA ALA A 343 5.65 -13.87 -23.25
C ALA A 343 6.51 -12.65 -22.88
N ALA A 344 7.17 -12.72 -21.72
CA ALA A 344 8.05 -11.65 -21.27
C ALA A 344 9.22 -11.50 -22.23
N GLY A 345 9.77 -12.63 -22.66
CA GLY A 345 10.89 -12.65 -23.61
C GLY A 345 10.50 -12.12 -24.97
N ALA A 346 9.36 -12.56 -25.49
CA ALA A 346 8.88 -12.12 -26.80
C ALA A 346 8.60 -10.62 -26.83
N LEU A 347 7.95 -10.10 -25.79
CA LEU A 347 7.68 -8.67 -25.65
C LEU A 347 8.97 -7.85 -25.59
N ALA A 348 9.96 -8.36 -24.86
CA ALA A 348 11.29 -7.75 -24.81
C ALA A 348 11.92 -7.67 -26.21
N GLU A 349 11.79 -8.72 -27.01
CA GLU A 349 12.33 -8.73 -28.38
C GLU A 349 11.67 -7.69 -29.27
N ARG A 350 10.34 -7.54 -29.13
CA ARG A 350 9.58 -6.55 -29.86
C ARG A 350 9.98 -5.15 -29.41
N GLY A 351 10.31 -5.03 -28.13
CA GLY A 351 10.80 -3.78 -27.56
C GLY A 351 12.16 -3.41 -28.09
N GLU A 352 13.07 -4.39 -28.14
CA GLU A 352 14.43 -4.17 -28.66
C GLU A 352 14.41 -3.70 -30.10
N ALA A 353 13.55 -4.31 -30.92
CA ALA A 353 13.39 -3.95 -32.33
C ALA A 353 12.81 -2.55 -32.50
N LEU A 354 11.88 -2.18 -31.63
CA LEU A 354 11.31 -0.83 -31.63
C LEU A 354 12.38 0.21 -31.30
N ARG A 355 13.13 -0.02 -30.21
CA ARG A 355 14.15 0.92 -29.79
C ARG A 355 15.22 1.11 -30.86
N ALA A 356 15.64 0.01 -31.49
CA ALA A 356 16.63 0.06 -32.56
C ALA A 356 16.16 0.92 -33.74
N ARG A 357 14.91 0.73 -34.16
CA ARG A 357 14.30 1.54 -35.22
C ARG A 357 14.25 3.02 -34.86
N LEU A 358 13.88 3.31 -33.62
CA LEU A 358 13.80 4.69 -33.14
C LEU A 358 15.17 5.36 -33.14
N ASN A 359 16.18 4.64 -32.66
CA ASN A 359 17.55 5.18 -32.61
C ASN A 359 18.18 5.38 -33.99
N ALA A 360 17.96 4.42 -34.90
CA ALA A 360 18.37 4.56 -36.31
C ALA A 360 17.73 5.79 -36.94
N LEU A 361 16.42 5.97 -36.73
CA LEU A 361 15.70 7.13 -37.22
C LEU A 361 16.33 8.44 -36.74
N CYS A 362 16.56 8.56 -35.42
CA CYS A 362 17.15 9.77 -34.84
C CYS A 362 18.56 10.07 -35.37
N ALA A 363 19.38 9.03 -35.49
CA ALA A 363 20.72 9.15 -36.07
C ALA A 363 20.66 9.52 -37.56
N ASN A 364 19.69 8.94 -38.26
CA ASN A 364 19.41 9.21 -39.67
C ASN A 364 19.14 10.69 -39.92
N GLU A 365 18.39 11.32 -39.01
CA GLU A 365 17.90 12.67 -39.21
C GLU A 365 18.87 13.73 -38.65
N GLY A 366 19.93 13.26 -37.99
CA GLY A 366 20.96 14.15 -37.45
C GLY A 366 20.56 14.94 -36.21
N VAL A 367 19.54 14.47 -35.49
CA VAL A 367 19.08 15.16 -34.27
C VAL A 367 19.72 14.62 -33.00
N ALA A 368 19.95 15.49 -32.03
CA ALA A 368 20.42 15.09 -30.71
C ALA A 368 19.26 14.51 -29.90
N MET A 369 18.81 13.32 -30.31
CA MET A 369 17.67 12.65 -29.69
C MET A 369 17.95 11.15 -29.68
N GLN A 370 17.47 10.46 -28.64
CA GLN A 370 17.65 9.01 -28.55
C GLN A 370 16.63 8.33 -27.63
N PHE A 371 16.57 7.01 -27.70
CA PHE A 371 15.74 6.22 -26.80
C PHE A 371 16.61 5.24 -26.04
N THR A 372 16.60 5.36 -24.71
CA THR A 372 17.37 4.46 -23.85
C THR A 372 16.46 3.43 -23.19
N GLY A 373 17.04 2.32 -22.76
CA GLY A 373 16.29 1.30 -22.02
C GLY A 373 16.64 -0.12 -22.41
N ILE A 374 15.75 -1.03 -22.04
CA ILE A 374 15.92 -2.47 -22.28
C ILE A 374 14.57 -3.08 -22.65
N GLY A 375 14.58 -4.00 -23.62
CA GLY A 375 13.38 -4.77 -23.97
C GLY A 375 12.12 -3.95 -24.17
N SER A 376 11.08 -4.27 -23.40
CA SER A 376 9.77 -3.62 -23.52
C SER A 376 9.66 -2.24 -22.86
N LEU A 377 10.75 -1.74 -22.29
CA LEU A 377 10.75 -0.42 -21.65
C LEU A 377 11.80 0.49 -22.27
N MET A 378 11.37 1.68 -22.68
CA MET A 378 12.30 2.67 -23.22
C MET A 378 11.87 4.10 -22.89
N ASN A 379 12.78 5.05 -23.05
CA ASN A 379 12.51 6.44 -22.72
C ASN A 379 13.15 7.38 -23.72
N ALA A 380 12.37 8.34 -24.21
CA ALA A 380 12.87 9.38 -25.10
C ALA A 380 13.78 10.34 -24.35
N HIS A 381 14.90 10.72 -24.97
CA HIS A 381 15.80 11.72 -24.41
C HIS A 381 16.33 12.64 -25.49
N PHE A 382 16.46 13.92 -25.14
CA PHE A 382 16.97 14.93 -26.06
C PHE A 382 18.44 15.24 -25.78
N VAL A 383 19.24 14.17 -25.77
CA VAL A 383 20.71 14.29 -25.71
C VAL A 383 21.36 13.34 -26.70
N GLN A 384 22.61 13.65 -27.00
CA GLN A 384 23.47 12.79 -27.79
C GLN A 384 24.41 12.03 -26.84
N GLY A 385 24.90 10.87 -27.28
CA GLY A 385 25.89 10.12 -26.53
C GLY A 385 25.36 9.16 -25.47
N ASP A 386 26.28 8.61 -24.69
CA ASP A 386 25.95 7.61 -23.67
C ASP A 386 25.23 8.22 -22.48
N VAL A 387 24.04 7.71 -22.19
CA VAL A 387 23.29 8.09 -21.00
C VAL A 387 23.59 7.07 -19.91
N ARG A 388 24.30 7.51 -18.88
CA ARG A 388 24.77 6.62 -17.81
C ARG A 388 24.14 6.93 -16.45
N SER A 389 23.69 8.17 -16.27
CA SER A 389 23.01 8.59 -15.04
C SER A 389 22.18 9.85 -15.30
N SER A 390 21.35 10.22 -14.32
CA SER A 390 20.50 11.40 -14.41
C SER A 390 21.28 12.71 -14.65
N GLU A 391 22.53 12.76 -14.17
CA GLU A 391 23.43 13.89 -14.42
C GLU A 391 23.54 14.24 -15.90
N ASP A 392 23.55 13.20 -16.74
CA ASP A 392 23.64 13.35 -18.20
C ASP A 392 22.41 14.02 -18.83
N LEU A 393 21.33 14.09 -18.07
CA LEU A 393 20.06 14.63 -18.56
C LEU A 393 19.65 15.93 -17.85
N ALA A 394 20.49 16.42 -16.94
CA ALA A 394 20.11 17.53 -16.05
C ALA A 394 19.78 18.83 -16.79
N ALA A 395 20.45 19.04 -17.92
CA ALA A 395 20.41 20.31 -18.64
C ALA A 395 19.45 20.30 -19.84
N VAL A 396 18.77 19.17 -20.05
CA VAL A 396 17.80 19.03 -21.14
C VAL A 396 16.69 20.06 -20.98
N ASP A 397 16.30 20.65 -22.11
CA ASP A 397 15.19 21.58 -22.17
C ASP A 397 13.87 20.80 -22.03
N GLY A 398 13.22 20.94 -20.88
CA GLY A 398 11.97 20.24 -20.57
C GLY A 398 10.82 20.50 -21.53
N ARG A 399 10.89 21.60 -22.26
CA ARG A 399 9.84 21.96 -23.22
C ARG A 399 9.80 21.03 -24.43
N LEU A 400 10.93 20.44 -24.78
CA LEU A 400 10.99 19.47 -25.86
C LEU A 400 10.19 18.21 -25.57
N ARG A 401 10.22 17.76 -24.30
CA ARG A 401 9.45 16.62 -23.84
C ARG A 401 7.95 16.91 -23.98
N GLN A 402 7.54 18.10 -23.55
CA GLN A 402 6.15 18.54 -23.65
C GLN A 402 5.71 18.55 -25.12
N LEU A 403 6.53 19.18 -25.97
CA LEU A 403 6.29 19.23 -27.41
C LEU A 403 6.05 17.84 -27.99
N LEU A 404 6.91 16.89 -27.62
CA LEU A 404 6.78 15.51 -28.07
C LEU A 404 5.46 14.89 -27.56
N PHE A 405 5.20 15.07 -26.27
CA PHE A 405 4.00 14.53 -25.64
C PHE A 405 2.73 14.97 -26.37
N PHE A 406 2.61 16.28 -26.62
CA PHE A 406 1.44 16.85 -27.29
C PHE A 406 1.32 16.41 -28.75
N HIS A 407 2.46 16.36 -29.44
CA HIS A 407 2.50 15.83 -30.81
C HIS A 407 1.96 14.40 -30.89
N LEU A 408 2.33 13.55 -29.94
CA LEU A 408 1.87 12.17 -29.92
C LEU A 408 0.36 12.07 -29.69
N LEU A 409 -0.17 12.89 -28.79
CA LEU A 409 -1.63 13.00 -28.62
C LEU A 409 -2.31 13.36 -29.95
N ASN A 410 -1.76 14.33 -30.69
CA ASN A 410 -2.24 14.67 -32.03
C ASN A 410 -2.28 13.48 -32.97
N GLU A 411 -1.30 12.58 -32.81
CA GLU A 411 -1.20 11.38 -33.64
C GLU A 411 -1.90 10.19 -32.98
N ASP A 412 -2.84 10.48 -32.07
CA ASP A 412 -3.62 9.48 -31.36
C ASP A 412 -2.77 8.46 -30.60
N ILE A 413 -1.68 8.94 -29.99
CA ILE A 413 -0.79 8.12 -29.16
C ILE A 413 -0.78 8.68 -27.74
N TYR A 414 -1.09 7.82 -26.78
CA TYR A 414 -1.08 8.22 -25.37
C TYR A 414 0.17 7.68 -24.71
N SER A 415 1.09 8.58 -24.39
CA SER A 415 2.33 8.22 -23.70
C SER A 415 2.43 8.97 -22.37
N SER A 416 3.62 9.03 -21.79
CA SER A 416 3.84 9.82 -20.59
C SER A 416 4.54 11.13 -20.91
N PRO A 417 4.26 12.20 -20.13
CA PRO A 417 4.96 13.48 -20.27
C PRO A 417 6.48 13.36 -20.29
N ARG A 418 7.05 12.48 -19.46
CA ARG A 418 8.50 12.30 -19.33
C ARG A 418 9.15 11.57 -20.52
N GLY A 419 8.32 10.99 -21.39
CA GLY A 419 8.80 10.31 -22.59
C GLY A 419 9.00 8.82 -22.39
N PHE A 420 8.42 8.30 -21.29
CA PHE A 420 8.44 6.88 -20.93
C PHE A 420 7.50 6.10 -21.83
N VAL A 421 8.07 5.12 -22.53
CA VAL A 421 7.35 4.29 -23.48
C VAL A 421 7.28 2.85 -22.96
N VAL A 422 6.07 2.33 -22.81
CA VAL A 422 5.85 1.02 -22.20
C VAL A 422 5.01 0.13 -23.10
N LEU A 423 5.55 -1.02 -23.47
CA LEU A 423 4.83 -2.01 -24.25
C LEU A 423 3.89 -2.86 -23.40
N SER A 424 2.77 -3.24 -23.98
CA SER A 424 1.84 -4.20 -23.38
C SER A 424 1.48 -5.30 -24.38
N LEU A 425 0.93 -6.40 -23.87
CA LEU A 425 0.62 -7.57 -24.70
C LEU A 425 -0.30 -7.34 -25.91
N PRO A 426 -1.39 -6.53 -25.76
CA PRO A 426 -2.30 -6.32 -26.90
C PRO A 426 -1.83 -5.32 -27.97
N LEU A 427 -0.72 -4.62 -27.76
CA LEU A 427 -0.20 -3.73 -28.79
C LEU A 427 0.12 -4.51 -30.06
N THR A 428 -0.43 -4.07 -31.18
CA THR A 428 -0.16 -4.73 -32.47
C THR A 428 1.08 -4.12 -33.11
N ASP A 429 1.63 -4.86 -34.07
CA ASP A 429 2.75 -4.35 -34.86
C ASP A 429 2.38 -3.05 -35.57
N ALA A 430 1.11 -2.91 -35.95
CA ALA A 430 0.61 -1.69 -36.58
C ALA A 430 0.59 -0.49 -35.60
N ASP A 431 0.27 -0.76 -34.32
CA ASP A 431 0.38 0.27 -33.28
C ASP A 431 1.82 0.77 -33.16
N ILE A 432 2.75 -0.17 -33.18
CA ILE A 432 4.18 0.11 -33.03
C ILE A 432 4.70 0.93 -34.22
N ASP A 433 4.23 0.57 -35.42
CA ASP A 433 4.51 1.35 -36.64
C ASP A 433 4.03 2.80 -36.50
N ARG A 434 2.82 2.99 -35.99
CA ARG A 434 2.29 4.32 -35.71
C ARG A 434 3.22 5.13 -34.79
N TYR A 435 3.77 4.48 -33.75
CA TYR A 435 4.69 5.18 -32.84
C TYR A 435 5.95 5.65 -33.58
N VAL A 436 6.55 4.76 -34.36
CA VAL A 436 7.73 5.12 -35.16
C VAL A 436 7.39 6.26 -36.12
N ALA A 437 6.27 6.11 -36.84
CA ALA A 437 5.80 7.11 -37.79
C ALA A 437 5.63 8.48 -37.13
N ALA A 438 5.06 8.50 -35.93
CA ALA A 438 4.80 9.74 -35.22
C ALA A 438 6.08 10.45 -34.74
N ILE A 439 7.10 9.68 -34.41
CA ILE A 439 8.42 10.25 -34.11
C ILE A 439 9.02 10.84 -35.38
N GLY A 440 8.86 10.12 -36.50
CA GLY A 440 9.28 10.61 -37.81
C GLY A 440 8.67 11.97 -38.12
N SER A 441 7.35 12.08 -38.00
CA SER A 441 6.64 13.34 -38.27
C SER A 441 7.06 14.43 -37.28
N PHE A 442 7.26 14.06 -36.02
CA PHE A 442 7.78 14.97 -35.00
C PHE A 442 9.11 15.61 -35.41
N ILE A 443 10.08 14.79 -35.80
CA ILE A 443 11.39 15.28 -36.27
C ILE A 443 11.22 16.21 -37.47
N GLY A 444 10.48 15.73 -38.47
CA GLY A 444 10.29 16.44 -39.75
C GLY A 444 9.50 17.73 -39.67
N GLY A 445 8.71 17.89 -38.61
CA GLY A 445 7.92 19.11 -38.39
C GLY A 445 8.48 20.06 -37.35
N HIS A 446 9.51 19.61 -36.62
CA HIS A 446 10.15 20.41 -35.58
C HIS A 446 11.66 20.49 -35.76
N GLY A 447 12.12 20.24 -36.99
CA GLY A 447 13.55 20.23 -37.32
C GLY A 447 14.29 21.52 -36.97
N ALA A 448 13.58 22.63 -36.95
CA ALA A 448 14.17 23.93 -36.65
C ALA A 448 14.35 24.19 -35.14
N LEU A 449 13.73 23.35 -34.31
CA LEU A 449 13.75 23.54 -32.86
C LEU A 449 14.64 22.53 -32.13
N LEU A 450 14.80 21.35 -32.71
CA LEU A 450 15.54 20.26 -32.07
C LEU A 450 17.05 20.48 -32.15
N PRO A 451 17.76 20.18 -31.05
CA PRO A 451 19.22 20.25 -31.04
C PRO A 451 19.83 19.27 -32.05
N ARG A 452 20.94 19.67 -32.67
CA ARG A 452 21.56 18.88 -33.73
C ARG A 452 22.64 17.97 -33.17
N ALA A 453 22.82 16.82 -33.81
CA ALA A 453 23.88 15.88 -33.44
C ALA A 453 25.27 16.42 -33.79
N ASN A 454 26.27 15.98 -33.02
CA ASN A 454 27.68 16.38 -33.17
C ASN A 454 27.93 17.86 -32.95
N HIS B 23 -2.40 -22.79 37.39
CA HIS B 23 -1.39 -22.53 36.33
C HIS B 23 -1.13 -23.78 35.48
N ALA B 24 -0.86 -24.90 36.14
CA ALA B 24 -0.64 -26.17 35.46
C ALA B 24 -1.94 -26.67 34.81
N ALA B 25 -3.06 -26.30 35.41
CA ALA B 25 -4.39 -26.61 34.86
C ALA B 25 -4.69 -25.81 33.59
N ILE B 26 -4.23 -24.57 33.54
CA ILE B 26 -4.41 -23.73 32.36
C ILE B 26 -3.57 -24.27 31.19
N ASP B 27 -2.31 -24.61 31.48
CA ASP B 27 -1.44 -25.28 30.50
C ASP B 27 -2.09 -26.53 29.91
N GLN B 28 -2.78 -27.30 30.76
CA GLN B 28 -3.42 -28.54 30.35
C GLN B 28 -4.67 -28.32 29.50
N ALA B 29 -5.48 -27.32 29.86
CA ALA B 29 -6.64 -26.94 29.08
C ALA B 29 -6.24 -26.41 27.68
N LEU B 30 -5.10 -25.72 27.63
CA LEU B 30 -4.57 -25.19 26.38
C LEU B 30 -4.08 -26.31 25.46
N ALA B 31 -3.38 -27.28 26.04
CA ALA B 31 -2.89 -28.43 25.29
C ALA B 31 -4.04 -29.25 24.71
N ASP B 32 -5.13 -29.36 25.47
CA ASP B 32 -6.35 -30.00 25.01
C ASP B 32 -7.00 -29.23 23.86
N ALA B 33 -6.98 -27.90 23.96
CA ALA B 33 -7.55 -27.03 22.94
C ALA B 33 -6.78 -27.18 21.64
N TYR B 34 -5.44 -27.12 21.72
CA TYR B 34 -4.55 -27.31 20.57
C TYR B 34 -4.82 -28.64 19.85
N ARG B 35 -4.98 -29.70 20.64
CA ARG B 35 -5.17 -31.04 20.10
C ARG B 35 -6.50 -31.18 19.35
N ARG B 36 -7.60 -30.75 19.98
CA ARG B 36 -8.91 -30.81 19.36
C ARG B 36 -8.98 -29.96 18.09
N PHE B 37 -8.39 -28.77 18.16
CA PHE B 37 -8.28 -27.86 17.02
C PHE B 37 -7.51 -28.51 15.89
N THR B 38 -6.42 -29.20 16.21
CA THR B 38 -5.62 -29.94 15.25
C THR B 38 -6.41 -31.09 14.62
N ASP B 39 -6.93 -31.99 15.46
CA ASP B 39 -7.64 -33.18 14.99
C ASP B 39 -8.83 -32.83 14.08
N ALA B 40 -9.52 -31.74 14.41
CA ALA B 40 -10.70 -31.31 13.64
C ALA B 40 -10.38 -30.56 12.35
N ASN B 41 -9.14 -30.12 12.18
CA ASN B 41 -8.79 -29.34 10.98
C ASN B 41 -7.59 -29.84 10.15
N PRO B 42 -7.65 -31.10 9.65
CA PRO B 42 -6.51 -31.66 8.93
C PRO B 42 -6.21 -30.97 7.58
N ALA B 43 -7.25 -30.48 6.90
CA ALA B 43 -7.06 -29.78 5.64
C ALA B 43 -6.34 -28.44 5.84
N SER B 44 -6.70 -27.72 6.90
CA SER B 44 -5.99 -26.49 7.26
C SER B 44 -4.53 -26.72 7.65
N GLN B 45 -4.26 -27.85 8.29
CA GLN B 45 -2.90 -28.23 8.66
C GLN B 45 -2.06 -28.57 7.42
N ARG B 46 -2.61 -29.42 6.56
CA ARG B 46 -1.98 -29.79 5.29
C ARG B 46 -1.64 -28.53 4.46
N GLN B 47 -2.62 -27.62 4.34
CA GLN B 47 -2.42 -26.38 3.61
C GLN B 47 -1.30 -25.54 4.23
N PHE B 48 -1.29 -25.44 5.56
CA PHE B 48 -0.26 -24.68 6.27
C PHE B 48 1.15 -25.21 5.97
N GLU B 49 1.32 -26.52 6.10
CA GLU B 49 2.60 -27.18 5.82
C GLU B 49 3.10 -26.86 4.42
N ALA B 50 2.19 -26.89 3.45
CA ALA B 50 2.53 -26.68 2.06
C ALA B 50 2.91 -25.22 1.80
N GLN B 51 2.14 -24.30 2.36
CA GLN B 51 2.36 -22.88 2.17
C GLN B 51 3.63 -22.39 2.85
N ALA B 52 4.03 -23.07 3.93
CA ALA B 52 5.22 -22.70 4.72
C ALA B 52 6.53 -22.76 3.93
N ARG B 53 6.52 -23.45 2.80
CA ARG B 53 7.71 -23.54 1.93
C ARG B 53 8.05 -22.19 1.28
N TYR B 54 7.03 -21.37 1.03
CA TYR B 54 7.20 -20.19 0.19
C TYR B 54 6.98 -18.85 0.92
N MET B 55 6.34 -18.90 2.08
CA MET B 55 6.16 -17.71 2.91
C MET B 55 6.55 -18.07 4.34
N PRO B 56 7.21 -17.14 5.07
CA PRO B 56 7.71 -17.46 6.41
C PRO B 56 6.53 -17.74 7.35
N GLY B 57 6.50 -18.94 7.92
CA GLY B 57 5.35 -19.39 8.70
C GLY B 57 4.07 -19.45 7.88
N ALA B 58 4.21 -19.71 6.58
CA ALA B 58 3.09 -19.75 5.62
C ALA B 58 2.30 -18.44 5.56
N ASN B 59 2.93 -17.37 6.05
CA ASN B 59 2.25 -16.15 6.47
C ASN B 59 2.67 -14.90 5.70
N SER B 60 1.69 -14.08 5.34
CA SER B 60 1.95 -12.82 4.64
C SER B 60 1.41 -11.62 5.42
N ARG B 61 0.88 -11.89 6.61
CA ARG B 61 0.16 -10.90 7.39
C ARG B 61 0.08 -11.39 8.85
N SER B 62 0.94 -10.81 9.68
CA SER B 62 1.22 -11.32 11.02
C SER B 62 0.01 -11.58 11.93
N VAL B 63 -0.99 -10.70 11.87
CA VAL B 63 -2.21 -10.86 12.70
C VAL B 63 -3.00 -12.14 12.38
N LEU B 64 -2.81 -12.68 11.19
CA LEU B 64 -3.53 -13.87 10.75
C LEU B 64 -2.96 -15.15 11.33
N PHE B 65 -1.70 -15.11 11.81
CA PHE B 65 -1.08 -16.29 12.40
C PHE B 65 -1.44 -16.48 13.86
N TYR B 66 -1.73 -17.73 14.21
CA TYR B 66 -1.87 -18.17 15.60
C TYR B 66 -1.42 -19.62 15.73
N ALA B 67 -0.96 -19.99 16.92
CA ALA B 67 -0.53 -21.35 17.21
C ALA B 67 -1.76 -22.24 17.50
N PRO B 68 -1.69 -23.56 17.19
CA PRO B 68 -0.55 -24.27 16.57
C PRO B 68 -0.35 -23.93 15.10
N PHE B 69 -1.44 -23.61 14.40
CA PHE B 69 -1.41 -23.15 13.01
C PHE B 69 -2.72 -22.40 12.73
N PRO B 70 -2.73 -21.49 11.74
CA PRO B 70 -3.99 -20.80 11.48
C PRO B 70 -4.90 -21.59 10.53
N LEU B 71 -6.22 -21.39 10.68
CA LEU B 71 -7.19 -21.97 9.76
C LEU B 71 -7.08 -21.29 8.40
N THR B 72 -7.19 -22.09 7.35
CA THR B 72 -7.37 -21.56 6.01
C THR B 72 -8.87 -21.35 5.79
N ILE B 73 -9.25 -20.12 5.40
CA ILE B 73 -10.64 -19.80 5.08
C ILE B 73 -10.88 -20.04 3.60
N ALA B 74 -11.89 -20.84 3.30
CA ALA B 74 -12.17 -21.29 1.94
C ALA B 74 -13.23 -20.45 1.24
N ARG B 75 -14.19 -19.94 2.01
CA ARG B 75 -15.37 -19.30 1.45
C ARG B 75 -15.98 -18.31 2.43
N GLY B 76 -16.62 -17.28 1.88
CA GLY B 76 -17.35 -16.31 2.69
C GLY B 76 -18.63 -15.89 2.02
N GLU B 77 -19.67 -15.64 2.83
CA GLU B 77 -20.96 -15.19 2.32
C GLU B 77 -21.70 -14.46 3.42
N GLY B 78 -22.13 -13.23 3.15
CA GLY B 78 -22.67 -12.37 4.19
C GLY B 78 -21.70 -12.29 5.35
N ALA B 79 -22.17 -12.56 6.56
CA ALA B 79 -21.32 -12.54 7.75
C ALA B 79 -20.94 -13.94 8.18
N ALA B 80 -20.86 -14.85 7.21
CA ALA B 80 -20.49 -16.23 7.46
C ALA B 80 -19.21 -16.59 6.72
N LEU B 81 -18.37 -17.38 7.40
CA LEU B 81 -17.14 -17.90 6.82
C LEU B 81 -17.08 -19.42 6.97
N TRP B 82 -16.39 -20.06 6.03
CA TRP B 82 -16.14 -21.49 6.03
C TRP B 82 -14.63 -21.74 5.95
N ASP B 83 -14.11 -22.61 6.80
CA ASP B 83 -12.71 -22.99 6.71
C ASP B 83 -12.52 -24.15 5.72
N ALA B 84 -11.28 -24.54 5.48
CA ALA B 84 -10.94 -25.59 4.51
C ALA B 84 -11.54 -26.96 4.86
N ASP B 85 -11.86 -27.16 6.13
CA ASP B 85 -12.46 -28.41 6.59
C ASP B 85 -13.98 -28.34 6.66
N GLY B 86 -14.53 -27.21 6.20
CA GLY B 86 -15.97 -27.08 6.03
C GLY B 86 -16.76 -26.61 7.24
N HIS B 87 -16.06 -26.20 8.30
CA HIS B 87 -16.72 -25.61 9.46
C HIS B 87 -17.29 -24.24 9.08
N ARG B 88 -18.57 -24.03 9.41
CA ARG B 88 -19.23 -22.77 9.16
C ARG B 88 -19.19 -21.93 10.45
N TYR B 89 -18.76 -20.67 10.33
CA TYR B 89 -18.71 -19.77 11.48
C TYR B 89 -19.50 -18.49 11.23
N ALA B 90 -20.04 -17.93 12.29
CA ALA B 90 -20.49 -16.55 12.28
C ALA B 90 -19.24 -15.68 12.48
N ASP B 91 -19.01 -14.78 11.54
CA ASP B 91 -17.79 -13.94 11.53
C ASP B 91 -17.89 -12.72 12.46
N PHE B 92 -17.09 -12.70 13.51
CA PHE B 92 -17.08 -11.59 14.47
C PHE B 92 -15.78 -10.77 14.46
N ILE B 93 -15.07 -10.80 13.33
CA ILE B 93 -13.82 -10.05 13.17
C ILE B 93 -13.81 -9.21 11.88
N ALA B 94 -14.51 -9.67 10.85
CA ALA B 94 -14.79 -8.89 9.64
C ALA B 94 -13.60 -8.09 9.09
N GLU B 95 -12.55 -8.81 8.70
CA GLU B 95 -11.35 -8.24 8.09
C GLU B 95 -10.75 -7.06 8.86
N TYR B 96 -10.75 -7.20 10.20
CA TYR B 96 -10.17 -6.20 11.09
C TYR B 96 -10.74 -4.80 10.81
N THR B 97 -12.07 -4.75 10.71
CA THR B 97 -12.90 -3.53 10.46
C THR B 97 -13.04 -3.11 9.00
N ALA B 98 -12.27 -3.73 8.11
CA ALA B 98 -12.37 -3.43 6.68
C ALA B 98 -13.62 -4.05 6.03
N GLY B 99 -14.03 -5.22 6.53
CA GLY B 99 -15.12 -5.99 5.94
C GLY B 99 -16.50 -5.70 6.51
N VAL B 100 -16.82 -4.42 6.66
CA VAL B 100 -18.09 -4.00 7.26
C VAL B 100 -19.30 -4.39 6.40
N TYR B 101 -19.04 -4.67 5.12
CA TYR B 101 -20.11 -5.00 4.18
C TYR B 101 -20.44 -6.48 4.14
N GLY B 102 -19.71 -7.26 4.93
CA GLY B 102 -19.78 -8.71 4.82
C GLY B 102 -18.92 -9.17 3.67
N HIS B 103 -19.03 -10.45 3.34
CA HIS B 103 -18.10 -11.06 2.40
C HIS B 103 -18.61 -11.18 0.97
N SER B 104 -19.88 -10.87 0.74
CA SER B 104 -20.46 -11.09 -0.59
C SER B 104 -21.53 -10.06 -1.01
N ALA B 105 -21.37 -8.82 -0.57
CA ALA B 105 -22.33 -7.76 -0.89
C ALA B 105 -22.45 -7.57 -2.41
N PRO B 106 -23.66 -7.75 -2.98
CA PRO B 106 -23.87 -7.58 -4.41
C PRO B 106 -23.61 -6.15 -4.89
N GLU B 107 -23.85 -5.16 -4.02
CA GLU B 107 -23.62 -3.76 -4.35
C GLU B 107 -22.14 -3.48 -4.65
N ILE B 108 -21.27 -4.10 -3.86
CA ILE B 108 -19.82 -4.01 -4.02
C ILE B 108 -19.39 -4.76 -5.28
N ARG B 109 -19.79 -6.03 -5.37
CA ARG B 109 -19.40 -6.88 -6.49
C ARG B 109 -19.82 -6.28 -7.83
N ASP B 110 -21.08 -5.87 -7.96
CA ASP B 110 -21.58 -5.26 -9.20
C ASP B 110 -20.85 -3.97 -9.58
N ALA B 111 -20.46 -3.18 -8.59
CA ALA B 111 -19.72 -1.94 -8.86
C ALA B 111 -18.32 -2.24 -9.39
N VAL B 112 -17.68 -3.25 -8.81
CA VAL B 112 -16.37 -3.70 -9.26
C VAL B 112 -16.46 -4.27 -10.68
N ILE B 113 -17.48 -5.08 -10.94
CA ILE B 113 -17.70 -5.66 -12.27
C ILE B 113 -17.89 -4.57 -13.32
N GLU B 114 -18.79 -3.61 -13.05
CA GLU B 114 -19.03 -2.51 -13.98
C GLU B 114 -17.74 -1.70 -14.26
N ALA B 115 -16.98 -1.43 -13.22
CA ALA B 115 -15.69 -0.76 -13.37
C ALA B 115 -14.70 -1.52 -14.27
N MET B 116 -14.60 -2.84 -14.08
CA MET B 116 -13.70 -3.67 -14.91
C MET B 116 -14.13 -3.69 -16.37
N GLN B 117 -15.44 -3.71 -16.61
CA GLN B 117 -15.99 -3.64 -17.97
C GLN B 117 -15.66 -2.30 -18.66
N GLY B 118 -15.53 -1.24 -17.86
CA GLY B 118 -15.09 0.04 -18.37
C GLY B 118 -13.59 0.06 -18.66
N GLY B 119 -12.87 -0.91 -18.12
CA GLY B 119 -11.43 -0.99 -18.32
C GLY B 119 -10.68 -0.58 -17.06
N ILE B 120 -9.60 -1.29 -16.77
CA ILE B 120 -8.79 -1.02 -15.59
C ILE B 120 -7.41 -0.50 -15.99
N ASN B 121 -6.61 -0.13 -14.99
CA ASN B 121 -5.26 0.40 -15.22
C ASN B 121 -5.30 1.58 -16.19
N LEU B 122 -6.23 2.51 -15.97
CA LEU B 122 -6.51 3.57 -16.94
C LEU B 122 -5.45 4.67 -17.06
N THR B 123 -4.41 4.62 -16.23
CA THR B 123 -3.21 5.46 -16.42
C THR B 123 -3.55 6.94 -16.64
N GLY B 124 -4.39 7.49 -15.76
CA GLY B 124 -4.73 8.90 -15.82
C GLY B 124 -5.73 9.27 -14.74
N HIS B 125 -5.99 10.58 -14.62
CA HIS B 125 -7.14 11.05 -13.85
C HIS B 125 -8.37 10.38 -14.43
N ASN B 126 -9.28 9.94 -13.57
CA ASN B 126 -10.46 9.21 -14.03
C ASN B 126 -11.79 9.83 -13.59
N LEU B 127 -12.89 9.21 -14.00
CA LEU B 127 -14.23 9.70 -13.70
C LEU B 127 -14.75 9.28 -12.32
N LEU B 128 -13.98 8.46 -11.61
CA LEU B 128 -14.47 7.83 -10.39
C LEU B 128 -13.85 8.39 -9.11
N GLU B 129 -12.59 8.78 -9.20
CA GLU B 129 -11.85 9.28 -8.04
C GLU B 129 -12.43 10.56 -7.43
N GLY B 130 -12.91 11.45 -8.28
CA GLY B 130 -13.39 12.76 -7.86
C GLY B 130 -14.63 12.65 -6.99
N ARG B 131 -15.51 11.75 -7.40
CA ARG B 131 -16.77 11.51 -6.72
C ARG B 131 -16.58 10.82 -5.35
N LEU B 132 -15.60 9.93 -5.22
CA LEU B 132 -15.28 9.33 -3.92
C LEU B 132 -14.61 10.36 -3.00
N ALA B 133 -13.72 11.19 -3.56
CA ALA B 133 -13.07 12.25 -2.79
C ALA B 133 -14.09 13.23 -2.22
N ARG B 134 -15.02 13.67 -3.07
CA ARG B 134 -16.12 14.56 -2.65
C ARG B 134 -16.92 13.94 -1.51
N LEU B 135 -17.36 12.71 -1.70
CA LEU B 135 -18.16 12.00 -0.71
C LEU B 135 -17.45 11.95 0.64
N ILE B 136 -16.16 11.65 0.62
CA ILE B 136 -15.37 11.59 1.85
C ILE B 136 -15.27 12.96 2.53
N CYS B 137 -15.02 14.02 1.74
CA CYS B 137 -14.88 15.36 2.32
C CYS B 137 -16.19 15.82 2.92
N GLU B 138 -17.29 15.40 2.32
CA GLU B 138 -18.63 15.75 2.81
C GLU B 138 -18.98 15.01 4.10
N ARG B 139 -18.61 13.73 4.18
CA ARG B 139 -18.87 12.95 5.38
C ARG B 139 -17.93 13.32 6.53
N PHE B 140 -16.70 13.73 6.20
CA PHE B 140 -15.72 14.21 7.19
C PHE B 140 -15.25 15.64 6.89
N PRO B 141 -16.05 16.64 7.27
CA PRO B 141 -15.81 18.03 6.86
C PRO B 141 -14.46 18.60 7.31
N GLN B 142 -13.83 18.01 8.33
CA GLN B 142 -12.46 18.36 8.73
C GLN B 142 -11.44 18.08 7.63
N ILE B 143 -11.86 17.31 6.62
CA ILE B 143 -11.03 17.01 5.46
C ILE B 143 -11.44 17.94 4.32
N GLU B 144 -10.66 19.00 4.11
CA GLU B 144 -10.97 19.98 3.07
C GLU B 144 -10.52 19.45 1.70
N GLN B 145 -9.34 18.82 1.69
CA GLN B 145 -8.82 18.11 0.53
C GLN B 145 -8.15 16.84 1.01
N LEU B 146 -8.07 15.84 0.13
CA LEU B 146 -7.42 14.57 0.44
C LEU B 146 -6.65 14.03 -0.78
N ARG B 147 -5.79 13.03 -0.54
CA ARG B 147 -5.30 12.15 -1.60
C ARG B 147 -5.45 10.70 -1.19
N PHE B 148 -5.55 9.82 -2.18
CA PHE B 148 -5.69 8.40 -1.94
C PHE B 148 -4.32 7.71 -1.91
N THR B 149 -4.20 6.71 -1.04
CA THR B 149 -3.01 5.86 -0.96
C THR B 149 -3.47 4.41 -1.09
N ASN B 150 -2.54 3.46 -0.98
CA ASN B 150 -2.87 2.05 -1.17
C ASN B 150 -3.06 1.29 0.12
N SER B 151 -2.95 2.01 1.24
CA SER B 151 -3.07 1.45 2.59
C SER B 151 -3.10 2.55 3.65
N GLY B 152 -3.52 2.16 4.86
CA GLY B 152 -3.48 3.05 6.02
C GLY B 152 -2.07 3.40 6.45
N THR B 153 -1.15 2.46 6.30
CA THR B 153 0.28 2.67 6.57
C THR B 153 0.83 3.79 5.70
N GLU B 154 0.53 3.73 4.41
CA GLU B 154 0.91 4.80 3.48
C GLU B 154 0.28 6.14 3.83
N ALA B 155 -1.00 6.13 4.21
CA ALA B 155 -1.71 7.35 4.56
C ALA B 155 -1.03 8.08 5.72
N ASN B 156 -0.71 7.35 6.78
CA ASN B 156 -0.01 7.92 7.93
C ASN B 156 1.41 8.38 7.59
N LEU B 157 2.12 7.60 6.76
CA LEU B 157 3.45 7.99 6.30
C LEU B 157 3.40 9.32 5.55
N MET B 158 2.42 9.44 4.66
CA MET B 158 2.27 10.65 3.87
C MET B 158 1.85 11.84 4.73
N ALA B 159 0.95 11.59 5.69
CA ALA B 159 0.53 12.62 6.63
C ALA B 159 1.71 13.17 7.44
N LEU B 160 2.57 12.28 7.94
CA LEU B 160 3.75 12.65 8.72
C LEU B 160 4.79 13.37 7.87
N THR B 161 4.96 12.90 6.64
CA THR B 161 5.84 13.54 5.68
C THR B 161 5.41 14.99 5.42
N ALA B 162 4.11 15.19 5.27
CA ALA B 162 3.55 16.51 4.98
C ALA B 162 3.73 17.45 6.17
N ALA B 163 3.46 16.93 7.37
CA ALA B 163 3.58 17.71 8.60
C ALA B 163 5.02 18.18 8.87
N LEU B 164 6.00 17.31 8.68
CA LEU B 164 7.42 17.68 8.84
C LEU B 164 7.82 18.79 7.87
N HIS B 165 7.37 18.69 6.62
CA HIS B 165 7.70 19.70 5.63
C HIS B 165 6.96 21.01 5.87
N PHE B 166 5.67 20.92 6.21
CA PHE B 166 4.88 22.12 6.48
C PHE B 166 5.41 22.93 7.66
N THR B 167 5.88 22.24 8.69
CA THR B 167 6.34 22.92 9.91
C THR B 167 7.84 23.24 9.88
N GLY B 168 8.60 22.46 9.11
CA GLY B 168 10.06 22.55 9.13
C GLY B 168 10.68 21.96 10.39
N ARG B 169 9.95 21.05 11.04
CA ARG B 169 10.43 20.41 12.27
C ARG B 169 10.54 18.90 12.07
N ARG B 170 11.14 18.19 13.04
CA ARG B 170 11.47 16.77 12.85
C ARG B 170 10.84 15.82 13.87
N LYS B 171 10.51 16.32 15.05
CA LYS B 171 10.06 15.44 16.14
C LYS B 171 8.57 15.12 16.06
N ILE B 172 8.26 13.85 16.28
CA ILE B 172 6.89 13.35 16.19
C ILE B 172 6.46 12.76 17.53
N VAL B 173 5.37 13.29 18.09
CA VAL B 173 4.80 12.76 19.32
C VAL B 173 3.81 11.65 18.98
N VAL B 174 4.03 10.49 19.56
CA VAL B 174 3.12 9.36 19.44
C VAL B 174 2.91 8.77 20.84
N PHE B 175 2.07 7.75 20.94
CA PHE B 175 1.69 7.24 22.26
C PHE B 175 1.88 5.74 22.42
N SER B 176 2.30 5.36 23.63
CA SER B 176 2.53 3.96 23.99
C SER B 176 1.33 3.15 23.55
N GLY B 177 1.58 2.01 22.92
CA GLY B 177 0.52 1.15 22.43
C GLY B 177 -0.04 1.54 21.07
N GLY B 178 0.32 2.74 20.60
CA GLY B 178 -0.13 3.25 19.31
C GLY B 178 0.23 2.35 18.15
N TYR B 179 -0.74 2.13 17.27
CA TYR B 179 -0.51 1.41 16.04
C TYR B 179 -1.01 2.22 14.85
N HIS B 180 -0.10 2.49 13.90
CA HIS B 180 -0.40 3.34 12.75
C HIS B 180 0.03 2.70 11.43
N GLY B 181 0.37 1.40 11.50
CA GLY B 181 0.67 0.64 10.30
C GLY B 181 1.91 -0.21 10.42
N GLY B 182 2.23 -0.94 9.36
CA GLY B 182 3.30 -1.93 9.35
C GLY B 182 4.66 -1.42 9.79
N VAL B 183 4.93 -0.15 9.53
CA VAL B 183 6.20 0.45 9.93
C VAL B 183 6.00 1.60 10.91
N LEU B 184 4.83 1.65 11.55
CA LEU B 184 4.50 2.71 12.51
C LEU B 184 3.78 2.17 13.76
N GLY B 185 4.40 1.21 14.44
CA GLY B 185 3.88 0.65 15.68
C GLY B 185 4.75 0.98 16.88
N PHE B 186 4.13 1.04 18.05
CA PHE B 186 4.83 1.44 19.26
C PHE B 186 4.39 0.62 20.48
N GLY B 187 5.37 0.12 21.23
CA GLY B 187 5.12 -0.40 22.57
C GLY B 187 5.35 0.78 23.49
N ALA B 188 6.21 0.60 24.50
CA ALA B 188 6.72 1.72 25.27
C ALA B 188 7.81 2.43 24.45
N ARG B 189 8.39 1.69 23.50
CA ARG B 189 9.35 2.23 22.55
C ARG B 189 8.85 1.93 21.13
N PRO B 190 9.47 2.55 20.09
CA PRO B 190 9.16 2.16 18.72
C PRO B 190 9.42 0.67 18.50
N SER B 191 8.51 0.00 17.80
CA SER B 191 8.66 -1.42 17.44
C SER B 191 9.91 -1.63 16.58
N PRO B 192 10.42 -2.88 16.52
CA PRO B 192 11.59 -3.19 15.68
C PRO B 192 11.44 -2.82 14.20
N THR B 193 10.21 -2.80 13.68
CA THR B 193 9.98 -2.49 12.25
C THR B 193 9.69 -1.02 11.95
N THR B 194 9.58 -0.22 13.00
CA THR B 194 9.21 1.18 12.87
C THR B 194 10.31 2.01 12.22
N VAL B 195 9.93 2.79 11.21
CA VAL B 195 10.85 3.67 10.51
C VAL B 195 11.51 4.66 11.48
N PRO B 196 12.80 5.00 11.24
CA PRO B 196 13.54 5.81 12.21
C PRO B 196 13.29 7.32 12.11
N PHE B 197 12.03 7.74 12.13
CA PHE B 197 11.71 9.15 12.39
C PHE B 197 12.11 9.45 13.83
N ASP B 198 12.25 10.73 14.17
CA ASP B 198 12.52 11.12 15.54
C ASP B 198 11.21 11.08 16.36
N PHE B 199 10.94 9.95 16.99
CA PHE B 199 9.70 9.75 17.76
C PHE B 199 9.88 10.08 19.25
N LEU B 200 8.89 10.75 19.81
CA LEU B 200 8.79 10.94 21.26
C LEU B 200 7.56 10.20 21.75
N VAL B 201 7.77 9.08 22.44
CA VAL B 201 6.69 8.18 22.84
C VAL B 201 6.17 8.51 24.24
N LEU B 202 4.91 8.93 24.32
CA LEU B 202 4.29 9.37 25.57
C LEU B 202 3.19 8.42 26.01
N PRO B 203 2.83 8.43 27.30
CA PRO B 203 1.77 7.53 27.78
C PRO B 203 0.39 7.94 27.26
N TYR B 204 -0.34 6.96 26.71
CA TYR B 204 -1.71 7.19 26.27
C TYR B 204 -2.60 7.52 27.47
N ASN B 205 -3.53 8.46 27.28
CA ASN B 205 -4.46 8.89 28.32
C ASN B 205 -3.85 9.54 29.57
N ASP B 206 -2.62 10.04 29.43
CA ASP B 206 -1.97 10.82 30.48
C ASP B 206 -1.88 12.27 30.02
N ALA B 207 -2.89 13.05 30.41
CA ALA B 207 -3.03 14.46 30.00
C ALA B 207 -1.94 15.36 30.54
N GLN B 208 -1.55 15.15 31.80
CA GLN B 208 -0.55 15.97 32.48
C GLN B 208 0.84 15.83 31.83
N THR B 209 1.27 14.59 31.60
CA THR B 209 2.56 14.33 30.95
C THR B 209 2.60 14.83 29.50
N ALA B 210 1.49 14.67 28.79
CA ALA B 210 1.39 15.15 27.41
C ALA B 210 1.58 16.66 27.34
N ARG B 211 0.83 17.41 28.15
CA ARG B 211 0.98 18.88 28.22
C ARG B 211 2.42 19.28 28.49
N ALA B 212 3.00 18.69 29.53
CA ALA B 212 4.37 19.02 29.98
C ALA B 212 5.44 18.72 28.92
N GLN B 213 5.38 17.52 28.34
CA GLN B 213 6.39 17.08 27.36
C GLN B 213 6.28 17.81 26.02
N ILE B 214 5.06 18.08 25.60
CA ILE B 214 4.85 18.83 24.37
C ILE B 214 5.32 20.29 24.54
N GLU B 215 4.90 20.95 25.63
CA GLU B 215 5.41 22.29 25.96
C GLU B 215 6.93 22.35 26.05
N ARG B 216 7.52 21.40 26.77
CA ARG B 216 8.97 21.33 27.01
C ARG B 216 9.78 21.23 25.72
N HIS B 217 9.27 20.45 24.77
CA HIS B 217 9.97 20.23 23.50
C HIS B 217 9.25 20.93 22.34
N GLY B 218 8.45 21.95 22.69
CA GLY B 218 7.67 22.71 21.72
C GLY B 218 8.25 22.95 20.34
N PRO B 219 9.35 23.71 20.25
CA PRO B 219 9.92 24.11 18.96
C PRO B 219 10.38 22.95 18.06
N GLU B 220 10.58 21.77 18.65
CA GLU B 220 11.02 20.61 17.90
C GLU B 220 9.87 19.80 17.31
N ILE B 221 8.66 19.96 17.85
CA ILE B 221 7.52 19.09 17.51
C ILE B 221 6.77 19.51 16.25
N ALA B 222 6.84 18.67 15.23
CA ALA B 222 6.14 18.90 13.97
C ALA B 222 4.67 18.47 14.08
N VAL B 223 4.45 17.37 14.77
CA VAL B 223 3.15 16.71 14.76
C VAL B 223 2.93 15.90 16.03
N VAL B 224 1.66 15.84 16.45
CA VAL B 224 1.19 14.90 17.46
C VAL B 224 0.26 13.93 16.76
N LEU B 225 0.62 12.65 16.74
CA LEU B 225 -0.15 11.64 16.03
C LEU B 225 -0.81 10.70 17.02
N VAL B 226 -2.14 10.57 16.92
CA VAL B 226 -2.90 9.81 17.93
C VAL B 226 -4.17 9.18 17.35
N GLU B 227 -4.50 7.98 17.82
CA GLU B 227 -5.79 7.36 17.57
C GLU B 227 -6.77 7.87 18.63
N PRO B 228 -7.96 8.36 18.21
CA PRO B 228 -8.97 8.83 19.18
C PRO B 228 -9.50 7.68 20.07
N MET B 229 -9.45 6.47 19.54
CA MET B 229 -9.53 5.23 20.32
C MET B 229 -8.47 4.29 19.75
N GLN B 230 -7.60 3.80 20.61
CA GLN B 230 -6.55 2.87 20.16
C GLN B 230 -7.17 1.53 19.79
N GLY B 231 -6.79 1.02 18.62
CA GLY B 231 -7.37 -0.21 18.08
C GLY B 231 -6.59 -1.44 18.47
N ALA B 232 -5.42 -1.64 17.86
CA ALA B 232 -4.59 -2.82 18.09
C ALA B 232 -4.27 -3.10 19.57
N SER B 233 -4.11 -2.04 20.37
CA SER B 233 -3.75 -2.23 21.78
C SER B 233 -4.90 -2.78 22.63
N GLY B 234 -6.12 -2.76 22.08
CA GLY B 234 -7.28 -3.40 22.70
C GLY B 234 -8.55 -2.56 22.83
N CYS B 235 -8.84 -1.74 21.82
CA CYS B 235 -10.01 -0.85 21.83
C CYS B 235 -10.05 -0.03 23.12
N ILE B 236 -9.06 0.84 23.30
CA ILE B 236 -8.95 1.68 24.47
C ILE B 236 -9.31 3.12 24.12
N PRO B 237 -10.51 3.57 24.55
CA PRO B 237 -10.99 4.93 24.28
C PRO B 237 -10.03 6.00 24.81
N GLY B 238 -9.83 7.03 24.01
CA GLY B 238 -9.03 8.17 24.44
C GLY B 238 -9.94 9.08 25.23
N GLN B 239 -9.51 9.46 26.44
CA GLN B 239 -10.34 10.27 27.33
C GLN B 239 -10.48 11.72 26.83
N PRO B 240 -11.65 12.33 27.06
CA PRO B 240 -11.90 13.72 26.67
C PRO B 240 -10.77 14.69 27.05
N ASP B 241 -10.34 14.66 28.32
CA ASP B 241 -9.32 15.57 28.84
C ASP B 241 -7.94 15.39 28.17
N PHE B 242 -7.60 14.14 27.90
CA PHE B 242 -6.34 13.80 27.25
C PHE B 242 -6.31 14.34 25.83
N LEU B 243 -7.39 14.10 25.08
CA LEU B 243 -7.47 14.51 23.68
C LEU B 243 -7.59 16.03 23.49
N GLN B 244 -8.37 16.69 24.35
CA GLN B 244 -8.41 18.17 24.36
C GLN B 244 -7.03 18.75 24.68
N ALA B 245 -6.35 18.14 25.66
CA ALA B 245 -4.98 18.53 26.02
C ALA B 245 -4.02 18.47 24.82
N LEU B 246 -4.15 17.43 23.99
CA LEU B 246 -3.33 17.28 22.78
C LEU B 246 -3.59 18.38 21.76
N ARG B 247 -4.87 18.70 21.57
CA ARG B 247 -5.28 19.78 20.66
C ARG B 247 -4.72 21.14 21.11
N GLU B 248 -4.86 21.42 22.41
CA GLU B 248 -4.39 22.69 22.99
C GLU B 248 -2.88 22.81 23.00
N SER B 249 -2.19 21.72 23.34
CA SER B 249 -0.73 21.73 23.39
C SER B 249 -0.11 21.92 22.01
N ALA B 250 -0.68 21.26 21.01
CA ALA B 250 -0.19 21.34 19.63
C ALA B 250 -0.37 22.75 19.04
N THR B 251 -1.56 23.29 19.20
CA THR B 251 -1.86 24.68 18.84
C THR B 251 -0.89 25.65 19.52
N GLN B 252 -0.66 25.41 20.81
CA GLN B 252 0.26 26.22 21.61
C GLN B 252 1.68 26.28 21.02
N VAL B 253 2.26 25.11 20.76
CA VAL B 253 3.66 25.06 20.32
C VAL B 253 3.84 25.21 18.82
N GLY B 254 2.73 25.19 18.07
CA GLY B 254 2.78 25.32 16.61
C GLY B 254 2.89 24.01 15.85
N ALA B 255 2.47 22.92 16.49
CA ALA B 255 2.50 21.59 15.88
C ALA B 255 1.15 21.25 15.25
N LEU B 256 1.17 20.31 14.31
CA LEU B 256 -0.07 19.81 13.73
C LEU B 256 -0.56 18.62 14.54
N LEU B 257 -1.86 18.58 14.80
CA LEU B 257 -2.49 17.41 15.34
C LEU B 257 -2.95 16.56 14.19
N VAL B 258 -2.62 15.27 14.23
CA VAL B 258 -3.11 14.31 13.24
C VAL B 258 -3.92 13.24 13.94
N PHE B 259 -5.19 13.11 13.57
CA PHE B 259 -5.99 11.99 14.06
C PHE B 259 -5.90 10.80 13.11
N ASP B 260 -5.46 9.68 13.66
CA ASP B 260 -5.52 8.42 12.93
C ASP B 260 -6.91 7.82 13.09
N GLU B 261 -7.77 8.04 12.10
CA GLU B 261 -9.12 7.47 12.09
C GLU B 261 -9.26 6.31 11.10
N VAL B 262 -8.17 5.63 10.78
CA VAL B 262 -8.21 4.44 9.91
C VAL B 262 -9.28 3.43 10.39
N MET B 263 -9.31 3.15 11.69
CA MET B 263 -10.35 2.29 12.28
C MET B 263 -11.52 3.11 12.77
N THR B 264 -11.18 4.25 13.36
CA THR B 264 -12.05 5.07 14.19
C THR B 264 -13.16 5.84 13.43
N SER B 265 -12.99 6.02 12.12
CA SER B 265 -13.96 6.78 11.31
C SER B 265 -15.34 6.10 11.17
N ARG B 266 -15.39 4.78 11.38
CA ARG B 266 -16.64 4.03 11.28
C ARG B 266 -17.49 4.08 12.54
N LEU B 267 -16.95 4.66 13.61
CA LEU B 267 -17.58 4.58 14.93
C LEU B 267 -18.80 5.48 15.13
N ALA B 268 -18.96 6.48 14.28
CA ALA B 268 -20.10 7.40 14.34
C ALA B 268 -20.42 7.87 12.92
N PRO B 269 -21.61 8.47 12.71
CA PRO B 269 -21.98 8.93 11.35
C PRO B 269 -20.90 9.74 10.63
N HIS B 270 -20.12 10.50 11.37
CA HIS B 270 -19.06 11.32 10.78
C HIS B 270 -17.73 11.10 11.49
N GLY B 271 -17.53 9.90 12.02
CA GLY B 271 -16.28 9.56 12.71
C GLY B 271 -16.24 10.00 14.16
N LEU B 272 -15.24 9.50 14.88
CA LEU B 272 -15.15 9.69 16.32
C LEU B 272 -14.70 11.11 16.71
N ALA B 273 -13.75 11.66 15.96
CA ALA B 273 -13.25 13.00 16.23
C ALA B 273 -14.39 14.03 16.26
N ASN B 274 -15.27 13.96 15.24
CA ASN B 274 -16.43 14.82 15.15
C ASN B 274 -17.47 14.60 16.25
N LYS B 275 -17.61 13.35 16.68
CA LYS B 275 -18.49 13.00 17.80
C LYS B 275 -17.96 13.66 19.08
N LEU B 276 -16.64 13.68 19.23
CA LEU B 276 -16.00 14.27 20.41
C LEU B 276 -15.91 15.79 20.38
N GLY B 277 -16.05 16.38 19.19
CA GLY B 277 -15.94 17.82 19.02
C GLY B 277 -14.50 18.33 18.98
N ILE B 278 -13.58 17.50 18.51
CA ILE B 278 -12.16 17.91 18.38
C ILE B 278 -11.75 17.89 16.92
N ARG B 279 -11.13 18.98 16.48
CA ARG B 279 -10.72 19.15 15.11
C ARG B 279 -9.21 18.99 14.99
N SER B 280 -8.78 17.99 14.20
CA SER B 280 -7.37 17.80 13.87
C SER B 280 -7.00 18.49 12.56
N ASP B 281 -5.72 18.85 12.45
CA ASP B 281 -5.18 19.51 11.26
C ASP B 281 -5.17 18.58 10.06
N LEU B 282 -4.83 17.32 10.30
CA LEU B 282 -4.93 16.26 9.30
C LEU B 282 -5.65 15.05 9.88
N THR B 283 -6.26 14.25 9.00
CA THR B 283 -6.94 13.01 9.35
C THR B 283 -6.54 11.91 8.37
N THR B 284 -6.28 10.71 8.88
CA THR B 284 -6.01 9.57 8.01
C THR B 284 -7.15 8.55 8.06
N LEU B 285 -7.39 7.89 6.93
CA LEU B 285 -8.50 6.95 6.78
C LEU B 285 -8.03 5.66 6.14
N GLY B 286 -8.80 4.60 6.28
CA GLY B 286 -8.53 3.33 5.62
C GLY B 286 -9.65 2.34 5.80
N LYS B 287 -9.30 1.05 5.69
CA LYS B 287 -10.23 -0.05 5.94
C LYS B 287 -11.40 -0.11 4.95
N TYR B 288 -12.60 0.18 5.46
CA TYR B 288 -13.87 -0.03 4.74
C TYR B 288 -14.16 1.03 3.67
N ILE B 289 -13.49 2.18 3.76
CA ILE B 289 -13.77 3.34 2.89
C ILE B 289 -13.56 3.01 1.42
N GLY B 290 -12.71 2.02 1.13
CA GLY B 290 -12.47 1.57 -0.23
C GLY B 290 -13.39 0.42 -0.64
N GLY B 291 -14.48 0.24 0.11
CA GLY B 291 -15.49 -0.77 -0.19
C GLY B 291 -15.04 -2.21 -0.01
N GLY B 292 -13.93 -2.41 0.69
CA GLY B 292 -13.33 -3.72 0.83
C GLY B 292 -12.14 -3.97 -0.09
N MET B 293 -11.83 -2.98 -0.94
CA MET B 293 -10.62 -3.04 -1.78
C MET B 293 -9.47 -2.37 -1.05
N SER B 294 -8.25 -2.62 -1.53
CA SER B 294 -7.06 -1.95 -0.98
C SER B 294 -7.30 -0.45 -0.99
N PHE B 295 -7.06 0.20 0.15
CA PHE B 295 -7.41 1.60 0.31
C PHE B 295 -6.69 2.31 1.47
N GLY B 296 -6.40 3.58 1.23
CA GLY B 296 -6.00 4.51 2.28
C GLY B 296 -6.29 5.92 1.79
N ALA B 297 -6.33 6.88 2.71
CA ALA B 297 -6.36 8.30 2.34
C ALA B 297 -5.85 9.17 3.49
N PHE B 298 -5.22 10.29 3.13
CA PHE B 298 -4.86 11.31 4.09
C PHE B 298 -5.39 12.65 3.59
N GLY B 299 -5.91 13.45 4.52
CA GLY B 299 -6.47 14.74 4.15
C GLY B 299 -6.60 15.66 5.35
N GLY B 300 -7.10 16.87 5.11
CA GLY B 300 -7.24 17.88 6.16
C GLY B 300 -7.22 19.29 5.60
N ARG B 301 -6.61 20.21 6.34
CA ARG B 301 -6.46 21.60 5.92
C ARG B 301 -5.95 21.71 4.49
N ALA B 302 -6.64 22.48 3.66
CA ALA B 302 -6.24 22.73 2.28
C ALA B 302 -4.84 23.34 2.16
N ASP B 303 -4.45 24.16 3.12
CA ASP B 303 -3.13 24.82 3.05
C ASP B 303 -1.96 23.85 3.30
N VAL B 304 -2.20 22.80 4.08
CA VAL B 304 -1.19 21.75 4.27
C VAL B 304 -1.17 20.83 3.05
N MET B 305 -2.35 20.45 2.56
CA MET B 305 -2.46 19.60 1.36
C MET B 305 -1.91 20.25 0.09
N ALA B 306 -1.90 21.59 0.08
CA ALA B 306 -1.38 22.39 -1.04
C ALA B 306 0.09 22.07 -1.37
N LEU B 307 0.80 21.52 -0.40
CA LEU B 307 2.16 21.02 -0.60
C LEU B 307 2.24 19.98 -1.74
N PHE B 308 1.13 19.28 -1.98
CA PHE B 308 1.05 18.22 -3.00
C PHE B 308 0.40 18.65 -4.32
N ASP B 309 -0.09 19.89 -4.36
CA ASP B 309 -0.62 20.47 -5.60
C ASP B 309 0.51 20.56 -6.63
N PRO B 310 0.43 19.75 -7.70
CA PRO B 310 1.54 19.60 -8.62
C PRO B 310 1.84 20.88 -9.39
N ARG B 311 0.91 21.82 -9.39
CA ARG B 311 1.10 23.10 -10.06
C ARG B 311 2.06 24.00 -9.28
N THR B 312 1.97 23.97 -7.95
CA THR B 312 2.62 24.98 -7.12
C THR B 312 3.39 24.42 -5.92
N GLY B 313 2.99 23.24 -5.44
CA GLY B 313 3.56 22.65 -4.24
C GLY B 313 4.89 21.97 -4.46
N PRO B 314 5.75 21.95 -3.42
CA PRO B 314 7.08 21.36 -3.54
C PRO B 314 7.12 19.83 -3.36
N LEU B 315 6.02 19.22 -2.94
CA LEU B 315 5.99 17.78 -2.61
C LEU B 315 5.31 16.91 -3.68
N ALA B 316 5.97 15.82 -4.02
CA ALA B 316 5.43 14.83 -4.95
C ALA B 316 4.88 13.63 -4.18
N HIS B 317 3.72 13.15 -4.62
CA HIS B 317 3.14 11.92 -4.07
C HIS B 317 2.56 11.08 -5.21
N SER B 318 3.34 10.10 -5.66
CA SER B 318 2.89 9.13 -6.64
C SER B 318 2.57 7.79 -5.96
N GLY B 319 2.39 6.75 -6.76
CA GLY B 319 1.94 5.46 -6.24
C GLY B 319 1.01 4.85 -7.26
N THR B 320 1.46 3.72 -7.83
CA THR B 320 0.84 3.13 -9.02
C THR B 320 -0.68 2.99 -8.92
N PHE B 321 -1.16 2.49 -7.79
CA PHE B 321 -2.57 2.13 -7.64
C PHE B 321 -3.40 3.11 -6.79
N ASN B 322 -2.83 4.27 -6.48
CA ASN B 322 -3.54 5.31 -5.71
C ASN B 322 -4.99 5.54 -6.12
N ASN B 323 -5.22 5.75 -7.42
CA ASN B 323 -6.54 6.12 -7.91
C ASN B 323 -7.23 5.03 -8.74
N ASN B 324 -6.90 3.76 -8.48
CA ASN B 324 -7.38 2.65 -9.30
C ASN B 324 -8.92 2.54 -9.29
N VAL B 325 -9.49 2.29 -10.46
CA VAL B 325 -10.95 2.30 -10.63
C VAL B 325 -11.74 1.30 -9.77
N MET B 326 -11.10 0.18 -9.40
CA MET B 326 -11.74 -0.84 -8.56
C MET B 326 -12.05 -0.27 -7.19
N THR B 327 -11.03 0.31 -6.57
CA THR B 327 -11.19 0.95 -5.25
C THR B 327 -12.15 2.11 -5.32
N MET B 328 -11.97 2.99 -6.31
CA MET B 328 -12.81 4.18 -6.46
C MET B 328 -14.28 3.80 -6.60
N ALA B 329 -14.55 2.80 -7.44
CA ALA B 329 -15.93 2.29 -7.63
C ALA B 329 -16.49 1.60 -6.38
N ALA B 330 -15.75 0.66 -5.82
CA ALA B 330 -16.22 -0.10 -4.67
C ALA B 330 -16.48 0.79 -3.44
N GLY B 331 -15.62 1.78 -3.24
CA GLY B 331 -15.78 2.74 -2.14
C GLY B 331 -17.05 3.58 -2.23
N TYR B 332 -17.29 4.16 -3.40
CA TYR B 332 -18.48 4.98 -3.59
C TYR B 332 -19.75 4.14 -3.42
N ALA B 333 -19.77 2.96 -4.04
CA ALA B 333 -20.90 2.03 -3.91
C ALA B 333 -21.19 1.68 -2.45
N GLY B 334 -20.14 1.31 -1.71
CA GLY B 334 -20.29 0.93 -0.31
C GLY B 334 -20.78 2.03 0.62
N LEU B 335 -20.21 3.22 0.49
CA LEU B 335 -20.57 4.34 1.36
C LEU B 335 -21.96 4.90 1.08
N THR B 336 -22.38 4.85 -0.19
CA THR B 336 -23.70 5.38 -0.59
C THR B 336 -24.84 4.38 -0.44
N LYS B 337 -24.59 3.10 -0.72
CA LYS B 337 -25.64 2.08 -0.75
C LYS B 337 -25.78 1.28 0.54
N LEU B 338 -24.69 1.15 1.29
CA LEU B 338 -24.66 0.24 2.43
C LEU B 338 -24.20 0.89 3.75
N PHE B 339 -22.94 1.30 3.82
CA PHE B 339 -22.41 1.88 5.05
C PHE B 339 -22.51 3.40 5.03
N THR B 340 -23.75 3.86 5.07
CA THR B 340 -24.10 5.28 5.07
C THR B 340 -23.82 5.89 6.44
N PRO B 341 -23.82 7.23 6.56
CA PRO B 341 -23.68 7.80 7.90
C PRO B 341 -24.70 7.25 8.89
N GLU B 342 -25.94 7.04 8.43
CA GLU B 342 -27.02 6.53 9.27
C GLU B 342 -26.79 5.08 9.69
N ALA B 343 -26.30 4.28 8.75
CA ALA B 343 -25.97 2.87 9.01
C ALA B 343 -24.86 2.76 10.04
N ALA B 344 -23.91 3.70 9.97
CA ALA B 344 -22.80 3.74 10.92
C ALA B 344 -23.30 4.04 12.34
N GLY B 345 -24.27 4.94 12.44
CA GLY B 345 -24.89 5.26 13.72
C GLY B 345 -25.65 4.06 14.28
N ALA B 346 -26.46 3.44 13.44
CA ALA B 346 -27.28 2.28 13.82
C ALA B 346 -26.42 1.07 14.22
N LEU B 347 -25.32 0.84 13.52
CA LEU B 347 -24.41 -0.25 13.87
C LEU B 347 -23.68 0.03 15.19
N ALA B 348 -23.34 1.30 15.42
CA ALA B 348 -22.74 1.71 16.69
C ALA B 348 -23.68 1.44 17.87
N GLU B 349 -24.98 1.70 17.67
CA GLU B 349 -26.01 1.43 18.69
C GLU B 349 -26.07 -0.05 19.07
N ARG B 350 -26.00 -0.92 18.08
CA ARG B 350 -26.05 -2.38 18.29
C ARG B 350 -24.83 -2.83 19.10
N GLY B 351 -23.66 -2.25 18.78
CA GLY B 351 -22.41 -2.57 19.45
C GLY B 351 -22.42 -2.17 20.90
N GLU B 352 -22.90 -0.96 21.19
CA GLU B 352 -23.03 -0.48 22.56
C GLU B 352 -23.92 -1.43 23.37
N ALA B 353 -25.07 -1.79 22.80
CA ALA B 353 -25.99 -2.73 23.44
C ALA B 353 -25.28 -4.05 23.76
N LEU B 354 -24.60 -4.61 22.75
CA LEU B 354 -23.81 -5.83 22.92
C LEU B 354 -22.74 -5.70 24.01
N ARG B 355 -21.95 -4.64 23.95
CA ARG B 355 -20.88 -4.45 24.94
C ARG B 355 -21.42 -4.36 26.37
N ALA B 356 -22.56 -3.69 26.54
CA ALA B 356 -23.22 -3.58 27.84
C ALA B 356 -23.70 -4.94 28.37
N ARG B 357 -24.24 -5.79 27.49
CA ARG B 357 -24.69 -7.11 27.90
C ARG B 357 -23.50 -7.97 28.34
N LEU B 358 -22.40 -7.88 27.59
CA LEU B 358 -21.21 -8.66 27.89
C LEU B 358 -20.57 -8.23 29.20
N ASN B 359 -20.50 -6.92 29.43
CA ASN B 359 -19.92 -6.39 30.67
C ASN B 359 -20.77 -6.72 31.91
N ALA B 360 -22.09 -6.63 31.78
CA ALA B 360 -23.02 -7.02 32.84
C ALA B 360 -22.84 -8.51 33.19
N LEU B 361 -22.73 -9.36 32.17
CA LEU B 361 -22.52 -10.80 32.35
C LEU B 361 -21.22 -11.08 33.13
N CYS B 362 -20.12 -10.46 32.69
CA CYS B 362 -18.83 -10.61 33.36
C CYS B 362 -18.88 -10.16 34.82
N ALA B 363 -19.49 -9.00 35.06
CA ALA B 363 -19.63 -8.46 36.42
C ALA B 363 -20.47 -9.40 37.29
N ASN B 364 -21.58 -9.91 36.73
CA ASN B 364 -22.47 -10.81 37.46
C ASN B 364 -21.82 -12.13 37.86
N GLU B 365 -20.92 -12.64 37.02
CA GLU B 365 -20.25 -13.91 37.28
C GLU B 365 -19.01 -13.76 38.17
N GLY B 366 -18.65 -12.53 38.50
CA GLY B 366 -17.53 -12.25 39.40
C GLY B 366 -16.15 -12.55 38.84
N VAL B 367 -16.04 -12.53 37.52
CA VAL B 367 -14.75 -12.80 36.86
C VAL B 367 -14.01 -11.52 36.49
N ALA B 368 -12.67 -11.57 36.56
CA ALA B 368 -11.83 -10.48 36.10
C ALA B 368 -11.76 -10.50 34.57
N MET B 369 -12.86 -10.08 33.95
CA MET B 369 -13.00 -10.08 32.50
C MET B 369 -13.90 -8.92 32.10
N GLN B 370 -13.56 -8.25 31.01
CA GLN B 370 -14.39 -7.15 30.48
C GLN B 370 -14.22 -6.95 28.98
N PHE B 371 -15.12 -6.19 28.38
CA PHE B 371 -15.01 -5.77 26.99
C PHE B 371 -14.92 -4.25 26.94
N THR B 372 -13.83 -3.75 26.36
CA THR B 372 -13.63 -2.31 26.22
C THR B 372 -13.88 -1.89 24.78
N GLY B 373 -14.31 -0.65 24.58
CA GLY B 373 -14.46 -0.12 23.23
C GLY B 373 -15.56 0.92 23.09
N ILE B 374 -15.90 1.20 21.84
CA ILE B 374 -16.95 2.15 21.48
C ILE B 374 -17.71 1.57 20.29
N GLY B 375 -19.02 1.75 20.29
CA GLY B 375 -19.87 1.39 19.16
C GLY B 375 -19.69 -0.03 18.67
N SER B 376 -19.40 -0.17 17.38
CA SER B 376 -19.34 -1.48 16.73
C SER B 376 -18.00 -2.19 16.89
N LEU B 377 -17.15 -1.66 17.76
CA LEU B 377 -15.82 -2.23 18.00
C LEU B 377 -15.57 -2.42 19.50
N MET B 378 -15.16 -3.62 19.88
CA MET B 378 -14.83 -3.91 21.28
C MET B 378 -13.75 -4.98 21.38
N ASN B 379 -13.20 -5.15 22.58
CA ASN B 379 -12.11 -6.09 22.79
C ASN B 379 -12.20 -6.75 24.15
N ALA B 380 -12.09 -8.08 24.18
CA ALA B 380 -12.07 -8.83 25.42
C ALA B 380 -10.77 -8.59 26.16
N HIS B 381 -10.87 -8.42 27.48
CA HIS B 381 -9.70 -8.26 28.34
C HIS B 381 -9.89 -9.01 29.64
N PHE B 382 -8.82 -9.63 30.12
CA PHE B 382 -8.85 -10.36 31.38
C PHE B 382 -8.24 -9.56 32.53
N VAL B 383 -8.85 -8.41 32.81
CA VAL B 383 -8.53 -7.59 33.99
C VAL B 383 -9.79 -6.97 34.57
N GLN B 384 -9.73 -6.68 35.86
CA GLN B 384 -10.76 -5.90 36.55
C GLN B 384 -10.33 -4.42 36.54
N GLY B 385 -11.32 -3.52 36.57
CA GLY B 385 -11.05 -2.09 36.69
C GLY B 385 -10.97 -1.32 35.37
N ASP B 386 -10.59 -0.05 35.47
CA ASP B 386 -10.52 0.82 34.31
C ASP B 386 -9.28 0.49 33.47
N VAL B 387 -9.48 0.39 32.17
CA VAL B 387 -8.38 0.20 31.22
C VAL B 387 -8.17 1.51 30.47
N ARG B 388 -7.05 2.17 30.75
CA ARG B 388 -6.76 3.49 30.18
C ARG B 388 -5.58 3.48 29.20
N SER B 389 -4.74 2.45 29.28
CA SER B 389 -3.63 2.26 28.34
C SER B 389 -3.17 0.79 28.32
N SER B 390 -2.23 0.47 27.43
CA SER B 390 -1.71 -0.89 27.32
C SER B 390 -0.93 -1.34 28.56
N GLU B 391 -0.50 -0.38 29.38
CA GLU B 391 0.18 -0.66 30.64
C GLU B 391 -0.73 -1.44 31.60
N ASP B 392 -2.04 -1.16 31.52
CA ASP B 392 -3.04 -1.82 32.35
C ASP B 392 -3.28 -3.28 31.93
N LEU B 393 -2.68 -3.70 30.83
CA LEU B 393 -2.84 -5.07 30.31
C LEU B 393 -1.51 -5.84 30.33
N ALA B 394 -0.48 -5.23 30.89
CA ALA B 394 0.87 -5.79 30.91
C ALA B 394 1.02 -7.11 31.69
N ALA B 395 0.19 -7.29 32.73
CA ALA B 395 0.28 -8.46 33.60
C ALA B 395 -0.63 -9.63 33.17
N VAL B 396 -1.43 -9.41 32.13
CA VAL B 396 -2.42 -10.40 31.67
C VAL B 396 -1.79 -11.69 31.15
N ASP B 397 -2.40 -12.81 31.54
CA ASP B 397 -2.00 -14.14 31.08
C ASP B 397 -2.55 -14.39 29.67
N GLY B 398 -1.64 -14.45 28.70
CA GLY B 398 -2.01 -14.59 27.28
C GLY B 398 -2.68 -15.89 26.89
N ARG B 399 -2.57 -16.90 27.76
CA ARG B 399 -3.14 -18.23 27.50
C ARG B 399 -4.67 -18.19 27.57
N LEU B 400 -5.17 -17.22 28.31
CA LEU B 400 -6.61 -17.03 28.52
C LEU B 400 -7.31 -16.57 27.26
N ARG B 401 -6.66 -15.67 26.51
CA ARG B 401 -7.17 -15.22 25.21
C ARG B 401 -7.29 -16.39 24.26
N GLN B 402 -6.29 -17.27 24.30
CA GLN B 402 -6.25 -18.46 23.44
C GLN B 402 -7.40 -19.41 23.74
N LEU B 403 -7.62 -19.70 25.02
CA LEU B 403 -8.74 -20.55 25.44
C LEU B 403 -10.08 -20.01 24.94
N LEU B 404 -10.29 -18.70 25.08
CA LEU B 404 -11.49 -18.04 24.55
C LEU B 404 -11.62 -18.21 23.02
N PHE B 405 -10.52 -17.97 22.30
CA PHE B 405 -10.51 -18.08 20.84
C PHE B 405 -10.94 -19.48 20.37
N PHE B 406 -10.32 -20.51 20.94
CA PHE B 406 -10.63 -21.89 20.59
C PHE B 406 -12.03 -22.28 21.04
N HIS B 407 -12.43 -21.77 22.20
CA HIS B 407 -13.81 -21.99 22.68
C HIS B 407 -14.83 -21.40 21.71
N LEU B 408 -14.55 -20.21 21.18
CA LEU B 408 -15.47 -19.56 20.24
C LEU B 408 -15.60 -20.33 18.92
N LEU B 409 -14.49 -20.90 18.45
CA LEU B 409 -14.51 -21.78 17.27
C LEU B 409 -15.45 -22.98 17.47
N ASN B 410 -15.36 -23.60 18.65
CA ASN B 410 -16.27 -24.68 19.05
C ASN B 410 -17.75 -24.29 19.02
N GLU B 411 -18.02 -23.01 19.32
CA GLU B 411 -19.39 -22.48 19.30
C GLU B 411 -19.76 -21.81 17.98
N ASP B 412 -19.06 -22.19 16.91
CA ASP B 412 -19.32 -21.69 15.54
C ASP B 412 -19.10 -20.18 15.39
N ILE B 413 -18.15 -19.62 16.15
CA ILE B 413 -17.82 -18.20 16.08
C ILE B 413 -16.36 -18.02 15.63
N TYR B 414 -16.16 -17.24 14.57
CA TYR B 414 -14.83 -16.90 14.10
C TYR B 414 -14.45 -15.50 14.59
N SER B 415 -13.45 -15.47 15.45
CA SER B 415 -13.06 -14.25 16.11
C SER B 415 -11.57 -14.00 15.88
N SER B 416 -11.06 -13.00 16.59
CA SER B 416 -9.65 -12.66 16.57
C SER B 416 -8.92 -13.33 17.74
N PRO B 417 -7.68 -13.78 17.51
CA PRO B 417 -6.84 -14.26 18.61
C PRO B 417 -6.68 -13.25 19.74
N ARG B 418 -6.63 -11.96 19.41
CA ARG B 418 -6.46 -10.91 20.42
C ARG B 418 -7.77 -10.55 21.13
N GLY B 419 -8.87 -11.16 20.71
CA GLY B 419 -10.18 -10.92 21.30
C GLY B 419 -10.85 -9.66 20.78
N PHE B 420 -10.42 -9.24 19.59
CA PHE B 420 -10.97 -8.07 18.92
C PHE B 420 -12.29 -8.42 18.23
N VAL B 421 -13.38 -7.85 18.73
CA VAL B 421 -14.74 -8.12 18.24
C VAL B 421 -15.18 -6.98 17.33
N VAL B 422 -15.63 -7.32 16.13
CA VAL B 422 -15.93 -6.34 15.08
C VAL B 422 -17.25 -6.70 14.41
N LEU B 423 -18.23 -5.80 14.50
CA LEU B 423 -19.52 -6.03 13.89
C LEU B 423 -19.52 -5.64 12.42
N SER B 424 -20.29 -6.36 11.62
CA SER B 424 -20.52 -6.00 10.22
C SER B 424 -22.03 -5.96 9.96
N LEU B 425 -22.42 -5.30 8.87
CA LEU B 425 -23.83 -5.08 8.53
C LEU B 425 -24.72 -6.33 8.45
N PRO B 426 -24.20 -7.45 7.89
CA PRO B 426 -25.06 -8.64 7.75
C PRO B 426 -25.31 -9.44 9.04
N LEU B 427 -24.55 -9.18 10.10
CA LEU B 427 -24.78 -9.89 11.37
C LEU B 427 -26.18 -9.65 11.89
N THR B 428 -26.89 -10.74 12.17
CA THR B 428 -28.26 -10.68 12.68
C THR B 428 -28.24 -10.52 14.20
N ASP B 429 -29.38 -10.17 14.78
CA ASP B 429 -29.53 -10.13 16.25
C ASP B 429 -29.32 -11.51 16.85
N ALA B 430 -29.73 -12.55 16.12
CA ALA B 430 -29.53 -13.94 16.53
C ALA B 430 -28.03 -14.29 16.59
N ASP B 431 -27.26 -13.79 15.62
CA ASP B 431 -25.81 -13.92 15.64
C ASP B 431 -25.23 -13.30 16.92
N ILE B 432 -25.66 -12.07 17.23
CA ILE B 432 -25.24 -11.36 18.45
C ILE B 432 -25.57 -12.16 19.71
N ASP B 433 -26.79 -12.72 19.77
CA ASP B 433 -27.20 -13.57 20.89
C ASP B 433 -26.27 -14.77 21.07
N ARG B 434 -25.90 -15.40 19.95
CA ARG B 434 -24.98 -16.53 19.96
C ARG B 434 -23.64 -16.16 20.60
N TYR B 435 -23.14 -14.96 20.29
CA TYR B 435 -21.87 -14.50 20.88
C TYR B 435 -21.97 -14.39 22.41
N VAL B 436 -23.02 -13.73 22.89
CA VAL B 436 -23.29 -13.58 24.34
C VAL B 436 -23.38 -14.96 25.03
N ALA B 437 -24.15 -15.87 24.44
CA ALA B 437 -24.28 -17.23 24.97
C ALA B 437 -22.94 -17.94 25.04
N ALA B 438 -22.11 -17.73 24.02
CA ALA B 438 -20.78 -18.35 23.94
C ALA B 438 -19.84 -17.84 25.03
N ILE B 439 -19.89 -16.53 25.30
CA ILE B 439 -19.17 -15.95 26.44
C ILE B 439 -19.67 -16.58 27.76
N GLY B 440 -20.98 -16.74 27.88
CA GLY B 440 -21.58 -17.37 29.06
C GLY B 440 -21.13 -18.80 29.28
N SER B 441 -21.14 -19.61 28.22
CA SER B 441 -20.70 -21.00 28.32
C SER B 441 -19.20 -21.08 28.59
N PHE B 442 -18.46 -20.06 28.17
CA PHE B 442 -17.02 -19.96 28.43
C PHE B 442 -16.74 -19.74 29.92
N ILE B 443 -17.43 -18.78 30.53
CA ILE B 443 -17.32 -18.50 31.96
C ILE B 443 -17.68 -19.76 32.76
N GLY B 444 -18.85 -20.34 32.46
CA GLY B 444 -19.37 -21.52 33.15
C GLY B 444 -18.54 -22.79 33.00
N GLY B 445 -17.77 -22.88 31.92
CA GLY B 445 -16.92 -24.03 31.67
C GLY B 445 -15.53 -23.88 32.27
N HIS B 446 -15.12 -22.64 32.52
CA HIS B 446 -13.76 -22.34 32.96
C HIS B 446 -13.71 -21.60 34.31
N GLY B 447 -14.68 -21.86 35.17
CA GLY B 447 -14.76 -21.21 36.49
C GLY B 447 -13.54 -21.42 37.37
N ALA B 448 -12.96 -22.62 37.29
CA ALA B 448 -11.76 -22.97 38.07
C ALA B 448 -10.50 -22.26 37.58
N LEU B 449 -10.54 -21.75 36.34
CA LEU B 449 -9.33 -21.27 35.67
C LEU B 449 -9.22 -19.75 35.54
N LEU B 450 -10.37 -19.07 35.48
CA LEU B 450 -10.39 -17.63 35.23
C LEU B 450 -10.11 -16.81 36.49
N PRO B 451 -9.31 -15.73 36.36
CA PRO B 451 -9.06 -14.83 37.49
C PRO B 451 -10.36 -14.21 38.00
N ARG B 452 -10.46 -14.07 39.32
CA ARG B 452 -11.64 -13.52 39.98
C ARG B 452 -11.56 -12.00 39.97
N ALA B 453 -12.72 -11.35 39.99
CA ALA B 453 -12.78 -9.89 40.02
C ALA B 453 -12.14 -9.35 41.31
N ASN B 454 -12.45 -10.02 42.42
CA ASN B 454 -11.84 -9.70 43.71
C ASN B 454 -11.83 -10.92 44.63
N1 IK2 C . 10.36 0.80 -7.32
C2 IK2 C . 10.54 1.20 -8.58
C2A IK2 C . 11.82 0.84 -9.32
C3 IK2 C . 9.54 1.95 -9.21
O3 IK2 C . 9.72 2.38 -10.49
C4 IK2 C . 8.37 2.29 -8.55
C4A IK2 C . 7.37 3.13 -9.37
N4A IK2 C . 6.25 3.64 -8.61
OX IK2 C . 5.40 4.32 -9.60
C1' IK2 C . 4.67 5.49 -9.22
C2' IK2 C . 3.42 5.66 -10.07
O1' IK2 C . 2.49 6.34 -9.58
O2' IK2 C . 3.40 5.12 -11.21
C5 IK2 C . 8.22 1.84 -7.22
C6 IK2 C . 9.25 1.08 -6.64
C5A IK2 C . 7.02 2.08 -6.28
O4P IK2 C . 5.94 1.18 -6.54
P IK2 C . 4.44 1.55 -6.08
O1P IK2 C . 4.59 2.04 -4.53
O2P IK2 C . 3.98 2.84 -6.91
O3P IK2 C . 3.50 0.41 -6.20
C1 GOL D . -5.64 -0.34 -30.06
O1 GOL D . -4.49 -1.11 -30.29
C2 GOL D . -5.88 0.68 -31.19
O2 GOL D . -5.04 0.44 -32.29
C3 GOL D . -5.68 2.09 -30.63
O3 GOL D . -5.60 3.03 -31.68
N1 IK2 E . -3.84 2.84 11.61
C2 IK2 E . -4.63 2.19 12.48
C2A IK2 E . -5.28 2.93 13.66
C3 IK2 E . -4.86 0.83 12.32
O3 IK2 E . -5.65 0.17 13.19
C4 IK2 E . -4.29 0.11 11.27
C4A IK2 E . -4.64 -1.40 11.22
N4A IK2 E . -3.84 -2.18 10.27
OX IK2 E . -4.15 -3.60 10.48
C1' IK2 E . -3.20 -4.59 10.05
C2' IK2 E . -3.91 -5.82 9.46
O1' IK2 E . -3.18 -6.65 8.87
O2' IK2 E . -5.15 -5.90 9.60
C5 IK2 E . -3.47 0.84 10.38
C6 IK2 E . -3.27 2.21 10.59
C5A IK2 E . -2.75 0.28 9.15
O4P IK2 E . -3.59 0.24 8.00
P IK2 E . -3.21 -0.75 6.80
O1P IK2 E . -1.68 -0.42 6.36
O2P IK2 E . -3.16 -2.22 7.40
O3P IK2 E . -4.16 -0.65 5.66
#